data_113D
# 
_entry.id   113D 
# 
_audit_conform.dict_name       mmcif_pdbx.dic 
_audit_conform.dict_version    5.385 
_audit_conform.dict_location   http://mmcif.pdb.org/dictionaries/ascii/mmcif_pdbx.dic 
# 
loop_
_database_2.database_id 
_database_2.database_code 
_database_2.pdbx_database_accession 
_database_2.pdbx_DOI 
PDB   113D         pdb_0000113d 10.2210/pdb113d/pdb 
RCSB  BDL009       ?            ?                   
WWPDB D_1000170036 ?            ?                   
# 
loop_
_pdbx_audit_revision_history.ordinal 
_pdbx_audit_revision_history.data_content_type 
_pdbx_audit_revision_history.major_revision 
_pdbx_audit_revision_history.minor_revision 
_pdbx_audit_revision_history.revision_date 
1 'Structure model' 1 0 1993-07-15 
2 'Structure model' 1 1 2008-05-22 
3 'Structure model' 1 2 2011-07-13 
4 'Structure model' 1 3 2024-02-07 
# 
_pdbx_audit_revision_details.ordinal             1 
_pdbx_audit_revision_details.revision_ordinal    1 
_pdbx_audit_revision_details.data_content_type   'Structure model' 
_pdbx_audit_revision_details.provider            repository 
_pdbx_audit_revision_details.type                'Initial release' 
_pdbx_audit_revision_details.description         ? 
_pdbx_audit_revision_details.details             ? 
# 
loop_
_pdbx_audit_revision_group.ordinal 
_pdbx_audit_revision_group.revision_ordinal 
_pdbx_audit_revision_group.data_content_type 
_pdbx_audit_revision_group.group 
1 2 'Structure model' 'Version format compliance' 
2 3 'Structure model' 'Version format compliance' 
3 4 'Structure model' 'Data collection'           
4 4 'Structure model' 'Database references'       
# 
loop_
_pdbx_audit_revision_category.ordinal 
_pdbx_audit_revision_category.revision_ordinal 
_pdbx_audit_revision_category.data_content_type 
_pdbx_audit_revision_category.category 
1 4 'Structure model' chem_comp_atom 
2 4 'Structure model' chem_comp_bond 
3 4 'Structure model' database_2     
# 
loop_
_pdbx_audit_revision_item.ordinal 
_pdbx_audit_revision_item.revision_ordinal 
_pdbx_audit_revision_item.data_content_type 
_pdbx_audit_revision_item.item 
1 4 'Structure model' '_database_2.pdbx_DOI'                
2 4 'Structure model' '_database_2.pdbx_database_accession' 
# 
_pdbx_database_status.status_code                     REL 
_pdbx_database_status.entry_id                        113D 
_pdbx_database_status.recvd_initial_deposition_date   1993-01-04 
_pdbx_database_status.deposit_site                    BNL 
_pdbx_database_status.process_site                    NDB 
_pdbx_database_status.SG_entry                        . 
_pdbx_database_status.pdb_format_compatible           Y 
_pdbx_database_status.status_code_mr                  ? 
_pdbx_database_status.status_code_sf                  ? 
_pdbx_database_status.status_code_cs                  ? 
_pdbx_database_status.status_code_nmr_data            ? 
_pdbx_database_status.methods_development_category    ? 
# 
loop_
_audit_author.name 
_audit_author.pdbx_ordinal 
'Hunter, W.N.'   1 
'Brown, T.'      2 
'Kneale, G.'     3 
'Anand, N.N.'    4 
'Rabinovich, D.' 5 
'Kennard, O.'    6 
# 
_citation.id                        primary 
_citation.title                     'The structure of guanosine-thymidine mismatches in B-DNA at 2.5-A resolution.' 
_citation.journal_abbrev            J.Biol.Chem. 
_citation.journal_volume            262 
_citation.page_first                9962 
_citation.page_last                 9970 
_citation.year                      1987 
_citation.journal_id_ASTM           JBCHA3 
_citation.country                   US 
_citation.journal_id_ISSN           0021-9258 
_citation.journal_id_CSD            0071 
_citation.book_publisher            ? 
_citation.pdbx_database_id_PubMed   3611072 
_citation.pdbx_database_id_DOI      ? 
# 
loop_
_citation_author.citation_id 
_citation_author.name 
_citation_author.ordinal 
_citation_author.identifier_ORCID 
primary 'Hunter, W.N.'   1 ? 
primary 'Brown, T.'      2 ? 
primary 'Kneale, G.'     3 ? 
primary 'Anand, N.N.'    4 ? 
primary 'Rabinovich, D.' 5 ? 
primary 'Kennard, O.'    6 ? 
# 
loop_
_entity.id 
_entity.type 
_entity.src_method 
_entity.pdbx_description 
_entity.formula_weight 
_entity.pdbx_number_of_molecules 
_entity.pdbx_ec 
_entity.pdbx_mutation 
_entity.pdbx_fragment 
_entity.details 
1 polymer syn 
;DNA (5'-D(*CP*GP*CP*GP*AP*AP*TP*TP*TP*GP*CP*G)-3')
;
3678.403 2  ? ? ? ? 
2 water   nat water                                                18.015   72 ? ? ? ? 
# 
_entity_poly.entity_id                      1 
_entity_poly.type                           polydeoxyribonucleotide 
_entity_poly.nstd_linkage                   no 
_entity_poly.nstd_monomer                   no 
_entity_poly.pdbx_seq_one_letter_code       '(DC)(DG)(DC)(DG)(DA)(DA)(DT)(DT)(DT)(DG)(DC)(DG)' 
_entity_poly.pdbx_seq_one_letter_code_can   CGCGAATTTGCG 
_entity_poly.pdbx_strand_id                 A,B 
_entity_poly.pdbx_target_identifier         ? 
# 
_pdbx_entity_nonpoly.entity_id   2 
_pdbx_entity_nonpoly.name        water 
_pdbx_entity_nonpoly.comp_id     HOH 
# 
loop_
_entity_poly_seq.entity_id 
_entity_poly_seq.num 
_entity_poly_seq.mon_id 
_entity_poly_seq.hetero 
1 1  DC n 
1 2  DG n 
1 3  DC n 
1 4  DG n 
1 5  DA n 
1 6  DA n 
1 7  DT n 
1 8  DT n 
1 9  DT n 
1 10 DG n 
1 11 DC n 
1 12 DG n 
# 
loop_
_chem_comp.id 
_chem_comp.type 
_chem_comp.mon_nstd_flag 
_chem_comp.name 
_chem_comp.pdbx_synonyms 
_chem_comp.formula 
_chem_comp.formula_weight 
DA  'DNA linking' y "2'-DEOXYADENOSINE-5'-MONOPHOSPHATE" ? 'C10 H14 N5 O6 P' 331.222 
DC  'DNA linking' y "2'-DEOXYCYTIDINE-5'-MONOPHOSPHATE"  ? 'C9 H14 N3 O7 P'  307.197 
DG  'DNA linking' y "2'-DEOXYGUANOSINE-5'-MONOPHOSPHATE" ? 'C10 H14 N5 O7 P' 347.221 
DT  'DNA linking' y "THYMIDINE-5'-MONOPHOSPHATE"         ? 'C10 H15 N2 O8 P' 322.208 
HOH non-polymer   . WATER                                ? 'H2 O'            18.015  
# 
loop_
_pdbx_poly_seq_scheme.asym_id 
_pdbx_poly_seq_scheme.entity_id 
_pdbx_poly_seq_scheme.seq_id 
_pdbx_poly_seq_scheme.mon_id 
_pdbx_poly_seq_scheme.ndb_seq_num 
_pdbx_poly_seq_scheme.pdb_seq_num 
_pdbx_poly_seq_scheme.auth_seq_num 
_pdbx_poly_seq_scheme.pdb_mon_id 
_pdbx_poly_seq_scheme.auth_mon_id 
_pdbx_poly_seq_scheme.pdb_strand_id 
_pdbx_poly_seq_scheme.pdb_ins_code 
_pdbx_poly_seq_scheme.hetero 
A 1 1  DC 1  1  1  DC C A . n 
A 1 2  DG 2  2  2  DG G A . n 
A 1 3  DC 3  3  3  DC C A . n 
A 1 4  DG 4  4  4  DG G A . n 
A 1 5  DA 5  5  5  DA A A . n 
A 1 6  DA 6  6  6  DA A A . n 
A 1 7  DT 7  7  7  DT T A . n 
A 1 8  DT 8  8  8  DT T A . n 
A 1 9  DT 9  9  9  DT T A . n 
A 1 10 DG 10 10 10 DG G A . n 
A 1 11 DC 11 11 11 DC C A . n 
A 1 12 DG 12 12 12 DG G A . n 
B 1 1  DC 1  13 13 DC C B . n 
B 1 2  DG 2  14 14 DG G B . n 
B 1 3  DC 3  15 15 DC C B . n 
B 1 4  DG 4  16 16 DG G B . n 
B 1 5  DA 5  17 17 DA A B . n 
B 1 6  DA 6  18 18 DA A B . n 
B 1 7  DT 7  19 19 DT T B . n 
B 1 8  DT 8  20 20 DT T B . n 
B 1 9  DT 9  21 21 DT T B . n 
B 1 10 DG 10 22 22 DG G B . n 
B 1 11 DC 11 23 23 DC C B . n 
B 1 12 DG 12 24 24 DG G B . n 
# 
loop_
_pdbx_nonpoly_scheme.asym_id 
_pdbx_nonpoly_scheme.entity_id 
_pdbx_nonpoly_scheme.mon_id 
_pdbx_nonpoly_scheme.ndb_seq_num 
_pdbx_nonpoly_scheme.pdb_seq_num 
_pdbx_nonpoly_scheme.auth_seq_num 
_pdbx_nonpoly_scheme.pdb_mon_id 
_pdbx_nonpoly_scheme.auth_mon_id 
_pdbx_nonpoly_scheme.pdb_strand_id 
_pdbx_nonpoly_scheme.pdb_ins_code 
C 2 HOH 1  25 25 HOH HOH A . 
C 2 HOH 2  27 27 HOH HOH A . 
C 2 HOH 3  28 28 HOH HOH A . 
C 2 HOH 4  30 30 HOH HOH A . 
C 2 HOH 5  31 31 HOH HOH A . 
C 2 HOH 6  32 32 HOH HOH A . 
C 2 HOH 7  35 35 HOH HOH A . 
C 2 HOH 8  39 39 HOH HOH A . 
C 2 HOH 9  41 41 HOH HOH A . 
C 2 HOH 10 42 42 HOH HOH A . 
C 2 HOH 11 45 45 HOH HOH A . 
C 2 HOH 12 50 50 HOH HOH A . 
C 2 HOH 13 51 51 HOH HOH A . 
C 2 HOH 14 54 54 HOH HOH A . 
C 2 HOH 15 55 55 HOH HOH A . 
C 2 HOH 16 56 56 HOH HOH A . 
C 2 HOH 17 57 57 HOH HOH A . 
C 2 HOH 18 59 59 HOH HOH A . 
C 2 HOH 19 61 61 HOH HOH A . 
C 2 HOH 20 62 62 HOH HOH A . 
C 2 HOH 21 65 65 HOH HOH A . 
C 2 HOH 22 66 66 HOH HOH A . 
C 2 HOH 23 69 69 HOH HOH A . 
C 2 HOH 24 70 70 HOH HOH A . 
C 2 HOH 25 72 72 HOH HOH A . 
C 2 HOH 26 73 73 HOH HOH A . 
C 2 HOH 27 74 74 HOH HOH A . 
C 2 HOH 28 75 75 HOH HOH A . 
C 2 HOH 29 76 76 HOH HOH A . 
C 2 HOH 30 82 82 HOH HOH A . 
C 2 HOH 31 83 83 HOH HOH A . 
C 2 HOH 32 84 84 HOH HOH A . 
C 2 HOH 33 85 85 HOH HOH A . 
C 2 HOH 34 86 86 HOH HOH A . 
C 2 HOH 35 88 88 HOH HOH A . 
C 2 HOH 36 89 89 HOH HOH A . 
C 2 HOH 37 93 93 HOH HOH A . 
C 2 HOH 38 94 94 HOH HOH A . 
C 2 HOH 39 95 95 HOH HOH A . 
C 2 HOH 40 96 96 HOH HOH A . 
D 2 HOH 1  26 26 HOH HOH B . 
D 2 HOH 2  29 29 HOH HOH B . 
D 2 HOH 3  33 33 HOH HOH B . 
D 2 HOH 4  34 34 HOH HOH B . 
D 2 HOH 5  36 36 HOH HOH B . 
D 2 HOH 6  37 37 HOH HOH B . 
D 2 HOH 7  38 38 HOH HOH B . 
D 2 HOH 8  40 40 HOH HOH B . 
D 2 HOH 9  43 43 HOH HOH B . 
D 2 HOH 10 44 44 HOH HOH B . 
D 2 HOH 11 46 46 HOH HOH B . 
D 2 HOH 12 47 47 HOH HOH B . 
D 2 HOH 13 48 48 HOH HOH B . 
D 2 HOH 14 49 49 HOH HOH B . 
D 2 HOH 15 52 52 HOH HOH B . 
D 2 HOH 16 53 53 HOH HOH B . 
D 2 HOH 17 58 58 HOH HOH B . 
D 2 HOH 18 60 60 HOH HOH B . 
D 2 HOH 19 63 63 HOH HOH B . 
D 2 HOH 20 64 64 HOH HOH B . 
D 2 HOH 21 67 67 HOH HOH B . 
D 2 HOH 22 68 68 HOH HOH B . 
D 2 HOH 23 71 71 HOH HOH B . 
D 2 HOH 24 77 77 HOH HOH B . 
D 2 HOH 25 78 78 HOH HOH B . 
D 2 HOH 26 79 79 HOH HOH B . 
D 2 HOH 27 80 80 HOH HOH B . 
D 2 HOH 28 81 81 HOH HOH B . 
D 2 HOH 29 87 87 HOH HOH B . 
D 2 HOH 30 90 90 HOH HOH B . 
D 2 HOH 31 91 91 HOH HOH B . 
D 2 HOH 32 92 92 HOH HOH B . 
# 
_software.name             NUCLSQ 
_software.classification   refinement 
_software.version          . 
_software.citation_id      ? 
_software.pdbx_ordinal     1 
# 
_cell.entry_id           113D 
_cell.length_a           25.530 
_cell.length_b           41.220 
_cell.length_c           65.630 
_cell.angle_alpha        90.00 
_cell.angle_beta         90.00 
_cell.angle_gamma        90.00 
_cell.Z_PDB              8 
_cell.pdbx_unique_axis   ? 
# 
_symmetry.entry_id                         113D 
_symmetry.space_group_name_H-M             'P 21 21 21' 
_symmetry.pdbx_full_space_group_name_H-M   ? 
_symmetry.cell_setting                     ? 
_symmetry.Int_Tables_number                19 
# 
_exptl.entry_id          113D 
_exptl.method            'X-RAY DIFFRACTION' 
_exptl.crystals_number   ? 
# 
_exptl_crystal.id                    1 
_exptl_crystal.density_meas          ? 
_exptl_crystal.density_Matthews      2.35 
_exptl_crystal.density_percent_sol   47.59 
_exptl_crystal.description           ? 
# 
_exptl_crystal_grow.crystal_id      1 
_exptl_crystal_grow.method          'VAPOR DIFFUSION, SITTING DROP' 
_exptl_crystal_grow.temp            281.00 
_exptl_crystal_grow.temp_details    ? 
_exptl_crystal_grow.pH              7.40 
_exptl_crystal_grow.pdbx_details    'pH 7.40, VAPOR DIFFUSION, SITTING DROP, temperature 281.00K' 
_exptl_crystal_grow.pdbx_pH_range   ? 
# 
loop_
_exptl_crystal_grow_comp.crystal_id 
_exptl_crystal_grow_comp.id 
_exptl_crystal_grow_comp.sol_id 
_exptl_crystal_grow_comp.name 
_exptl_crystal_grow_comp.volume 
_exptl_crystal_grow_comp.conc 
_exptl_crystal_grow_comp.details 
1 1 1 WATER           ? ? ? 
1 2 1 MPD             ? ? ? 
1 3 1 'NA CACODYLATE' ? ? ? 
1 4 1 'MG ACETATE'    ? ? ? 
1 5 1 SPERMINE        ? ? ? 
1 6 2 WATER           ? ? ? 
1 7 2 MPD             ? ? ? 
# 
_diffrn.id                     1 
_diffrn.ambient_temp           279.00 
_diffrn.ambient_temp_details   ? 
_diffrn.crystal_id             1 
# 
_diffrn_detector.diffrn_id              1 
_diffrn_detector.detector               DIFFRACTOMETER 
_diffrn_detector.type                   'SYNTEX P21' 
_diffrn_detector.pdbx_collection_date   ? 
_diffrn_detector.details                ? 
# 
_diffrn_radiation.diffrn_id                        1 
_diffrn_radiation.wavelength_id                    1 
_diffrn_radiation.pdbx_monochromatic_or_laue_m_l   ? 
_diffrn_radiation.monochromator                    ? 
_diffrn_radiation.pdbx_diffrn_protocol             ? 
_diffrn_radiation.pdbx_scattering_type             x-ray 
# 
_diffrn_radiation_wavelength.id           1 
_diffrn_radiation_wavelength.wavelength   . 
_diffrn_radiation_wavelength.wt           1.0 
# 
_reflns.entry_id                     113D 
_reflns.observed_criterion_sigma_I   0.000 
_reflns.observed_criterion_sigma_F   ? 
_reflns.d_resolution_low             8.000 
_reflns.d_resolution_high            2.500 
_reflns.number_obs                   2497 
_reflns.number_all                   ? 
_reflns.percent_possible_obs         ? 
_reflns.pdbx_Rmerge_I_obs            ? 
_reflns.pdbx_Rsym_value              ? 
_reflns.pdbx_netI_over_sigmaI        ? 
_reflns.B_iso_Wilson_estimate        ? 
_reflns.pdbx_redundancy              ? 
_reflns.pdbx_diffrn_id               1 
_reflns.pdbx_ordinal                 1 
# 
_refine.entry_id                                 113D 
_refine.ls_number_reflns_obs                     2004 
_refine.ls_number_reflns_all                     ? 
_refine.pdbx_ls_sigma_I                          1.000 
_refine.pdbx_ls_sigma_F                          ? 
_refine.pdbx_data_cutoff_high_absF               ? 
_refine.pdbx_data_cutoff_low_absF                ? 
_refine.pdbx_data_cutoff_high_rms_absF           ? 
_refine.ls_d_res_low                             8.000 
_refine.ls_d_res_high                            2.500 
_refine.ls_percent_reflns_obs                    ? 
_refine.ls_R_factor_obs                          0.1800000 
_refine.ls_R_factor_all                          ? 
_refine.ls_R_factor_R_work                       ? 
_refine.ls_R_factor_R_free                       ? 
_refine.ls_R_factor_R_free_error                 ? 
_refine.ls_R_factor_R_free_error_details         ? 
_refine.ls_percent_reflns_R_free                 ? 
_refine.ls_number_reflns_R_free                  ? 
_refine.ls_number_parameters                     ? 
_refine.ls_number_restraints                     ? 
_refine.occupancy_min                            ? 
_refine.occupancy_max                            ? 
_refine.B_iso_mean                               ? 
_refine.aniso_B[1][1]                            ? 
_refine.aniso_B[2][2]                            ? 
_refine.aniso_B[3][3]                            ? 
_refine.aniso_B[1][2]                            ? 
_refine.aniso_B[1][3]                            ? 
_refine.aniso_B[2][3]                            ? 
_refine.solvent_model_details                    ? 
_refine.solvent_model_param_ksol                 ? 
_refine.solvent_model_param_bsol                 ? 
_refine.pdbx_ls_cross_valid_method               ? 
_refine.details                                  ? 
_refine.pdbx_starting_model                      ? 
_refine.pdbx_method_to_determine_struct          ? 
_refine.pdbx_isotropic_thermal_model             ? 
_refine.pdbx_stereochemistry_target_values       ? 
_refine.pdbx_stereochem_target_val_spec_case     ? 
_refine.pdbx_R_Free_selection_details            ? 
_refine.pdbx_overall_ESU_R                       ? 
_refine.pdbx_overall_ESU_R_Free                  ? 
_refine.overall_SU_ML                            ? 
_refine.overall_SU_B                             ? 
_refine.pdbx_refine_id                           'X-RAY DIFFRACTION' 
_refine.pdbx_diffrn_id                           1 
_refine.pdbx_TLS_residual_ADP_flag               ? 
_refine.correlation_coeff_Fo_to_Fc               ? 
_refine.correlation_coeff_Fo_to_Fc_free          ? 
_refine.pdbx_solvent_vdw_probe_radii             ? 
_refine.pdbx_solvent_ion_probe_radii             ? 
_refine.pdbx_solvent_shrinkage_radii             ? 
_refine.pdbx_overall_phase_error                 ? 
_refine.overall_SU_R_Cruickshank_DPI             ? 
_refine.pdbx_overall_SU_R_free_Cruickshank_DPI   ? 
_refine.pdbx_overall_SU_R_Blow_DPI               ? 
_refine.pdbx_overall_SU_R_free_Blow_DPI          ? 
# 
_refine_hist.pdbx_refine_id                   'X-RAY DIFFRACTION' 
_refine_hist.cycle_id                         LAST 
_refine_hist.pdbx_number_atoms_protein        0 
_refine_hist.pdbx_number_atoms_nucleic_acid   488 
_refine_hist.pdbx_number_atoms_ligand         0 
_refine_hist.number_atoms_solvent             72 
_refine_hist.number_atoms_total               560 
_refine_hist.d_res_high                       2.500 
_refine_hist.d_res_low                        8.000 
# 
_struct.entry_id                  113D 
_struct.title                     'THE STRUCTURE OF GUANOSINE-THYMIDINE MISMATCHES IN B-DNA AT 2.5 ANGSTROMS RESOLUTION' 
_struct.pdbx_model_details        ? 
_struct.pdbx_CASP_flag            ? 
_struct.pdbx_model_type_details   ? 
# 
_struct_keywords.entry_id        113D 
_struct_keywords.pdbx_keywords   DNA 
_struct_keywords.text            'B-DNA, DOUBLE HELIX, MISMATCHED, DNA' 
# 
loop_
_struct_asym.id 
_struct_asym.pdbx_blank_PDB_chainid_flag 
_struct_asym.pdbx_modified 
_struct_asym.entity_id 
_struct_asym.details 
A N N 1 ? 
B N N 1 ? 
C N N 2 ? 
D N N 2 ? 
# 
_struct_ref.id                         1 
_struct_ref.entity_id                  1 
_struct_ref.db_name                    PDB 
_struct_ref.db_code                    113D 
_struct_ref.pdbx_db_accession          113D 
_struct_ref.pdbx_db_isoform            ? 
_struct_ref.pdbx_seq_one_letter_code   ? 
_struct_ref.pdbx_align_begin           ? 
# 
loop_
_struct_ref_seq.align_id 
_struct_ref_seq.ref_id 
_struct_ref_seq.pdbx_PDB_id_code 
_struct_ref_seq.pdbx_strand_id 
_struct_ref_seq.seq_align_beg 
_struct_ref_seq.pdbx_seq_align_beg_ins_code 
_struct_ref_seq.seq_align_end 
_struct_ref_seq.pdbx_seq_align_end_ins_code 
_struct_ref_seq.pdbx_db_accession 
_struct_ref_seq.db_align_beg 
_struct_ref_seq.pdbx_db_align_beg_ins_code 
_struct_ref_seq.db_align_end 
_struct_ref_seq.pdbx_db_align_end_ins_code 
_struct_ref_seq.pdbx_auth_seq_align_beg 
_struct_ref_seq.pdbx_auth_seq_align_end 
1 1 113D A 1 ? 12 ? 113D 1  ? 12 ? 1  12 
2 1 113D B 1 ? 12 ? 113D 13 ? 24 ? 13 24 
# 
_pdbx_struct_assembly.id                   1 
_pdbx_struct_assembly.details              author_defined_assembly 
_pdbx_struct_assembly.method_details       ? 
_pdbx_struct_assembly.oligomeric_details   dimeric 
_pdbx_struct_assembly.oligomeric_count     2 
# 
_pdbx_struct_assembly_gen.assembly_id       1 
_pdbx_struct_assembly_gen.oper_expression   1 
_pdbx_struct_assembly_gen.asym_id_list      A,B,C,D 
# 
_pdbx_struct_oper_list.id                   1 
_pdbx_struct_oper_list.type                 'identity operation' 
_pdbx_struct_oper_list.name                 1_555 
_pdbx_struct_oper_list.symmetry_operation   x,y,z 
_pdbx_struct_oper_list.matrix[1][1]         1.0000000000 
_pdbx_struct_oper_list.matrix[1][2]         0.0000000000 
_pdbx_struct_oper_list.matrix[1][3]         0.0000000000 
_pdbx_struct_oper_list.vector[1]            0.0000000000 
_pdbx_struct_oper_list.matrix[2][1]         0.0000000000 
_pdbx_struct_oper_list.matrix[2][2]         1.0000000000 
_pdbx_struct_oper_list.matrix[2][3]         0.0000000000 
_pdbx_struct_oper_list.vector[2]            0.0000000000 
_pdbx_struct_oper_list.matrix[3][1]         0.0000000000 
_pdbx_struct_oper_list.matrix[3][2]         0.0000000000 
_pdbx_struct_oper_list.matrix[3][3]         1.0000000000 
_pdbx_struct_oper_list.vector[3]            0.0000000000 
# 
_struct_biol.id   1 
# 
loop_
_struct_conn.id 
_struct_conn.conn_type_id 
_struct_conn.pdbx_leaving_atom_flag 
_struct_conn.pdbx_PDB_id 
_struct_conn.ptnr1_label_asym_id 
_struct_conn.ptnr1_label_comp_id 
_struct_conn.ptnr1_label_seq_id 
_struct_conn.ptnr1_label_atom_id 
_struct_conn.pdbx_ptnr1_label_alt_id 
_struct_conn.pdbx_ptnr1_PDB_ins_code 
_struct_conn.pdbx_ptnr1_standard_comp_id 
_struct_conn.ptnr1_symmetry 
_struct_conn.ptnr2_label_asym_id 
_struct_conn.ptnr2_label_comp_id 
_struct_conn.ptnr2_label_seq_id 
_struct_conn.ptnr2_label_atom_id 
_struct_conn.pdbx_ptnr2_label_alt_id 
_struct_conn.pdbx_ptnr2_PDB_ins_code 
_struct_conn.ptnr1_auth_asym_id 
_struct_conn.ptnr1_auth_comp_id 
_struct_conn.ptnr1_auth_seq_id 
_struct_conn.ptnr2_auth_asym_id 
_struct_conn.ptnr2_auth_comp_id 
_struct_conn.ptnr2_auth_seq_id 
_struct_conn.ptnr2_symmetry 
_struct_conn.pdbx_ptnr3_label_atom_id 
_struct_conn.pdbx_ptnr3_label_seq_id 
_struct_conn.pdbx_ptnr3_label_comp_id 
_struct_conn.pdbx_ptnr3_label_asym_id 
_struct_conn.pdbx_ptnr3_label_alt_id 
_struct_conn.pdbx_ptnr3_PDB_ins_code 
_struct_conn.details 
_struct_conn.pdbx_dist_value 
_struct_conn.pdbx_value_order 
_struct_conn.pdbx_role 
hydrog1  hydrog ? ? A DC 1  N3 ? ? ? 1_555 B DG 12 N1 ? ? A DC 1  B DG 24 1_555 ? ? ? ? ? ? WATSON-CRICK ? ? ? 
hydrog2  hydrog ? ? A DC 1  N4 ? ? ? 1_555 B DG 12 O6 ? ? A DC 1  B DG 24 1_555 ? ? ? ? ? ? WATSON-CRICK ? ? ? 
hydrog3  hydrog ? ? A DC 1  O2 ? ? ? 1_555 B DG 12 N2 ? ? A DC 1  B DG 24 1_555 ? ? ? ? ? ? WATSON-CRICK ? ? ? 
hydrog4  hydrog ? ? A DG 2  N1 ? ? ? 1_555 B DC 11 N3 ? ? A DG 2  B DC 23 1_555 ? ? ? ? ? ? WATSON-CRICK ? ? ? 
hydrog5  hydrog ? ? A DG 2  N2 ? ? ? 1_555 B DC 11 O2 ? ? A DG 2  B DC 23 1_555 ? ? ? ? ? ? WATSON-CRICK ? ? ? 
hydrog6  hydrog ? ? A DG 2  O6 ? ? ? 1_555 B DC 11 N4 ? ? A DG 2  B DC 23 1_555 ? ? ? ? ? ? WATSON-CRICK ? ? ? 
hydrog7  hydrog ? ? A DC 3  N3 ? ? ? 1_555 B DG 10 N1 ? ? A DC 3  B DG 22 1_555 ? ? ? ? ? ? WATSON-CRICK ? ? ? 
hydrog8  hydrog ? ? A DC 3  N4 ? ? ? 1_555 B DG 10 O6 ? ? A DC 3  B DG 22 1_555 ? ? ? ? ? ? WATSON-CRICK ? ? ? 
hydrog9  hydrog ? ? A DC 3  O2 ? ? ? 1_555 B DG 10 N2 ? ? A DC 3  B DG 22 1_555 ? ? ? ? ? ? WATSON-CRICK ? ? ? 
hydrog10 hydrog ? ? A DG 4  N1 ? ? ? 1_555 B DT 9  O2 ? ? A DG 4  B DT 21 1_555 ? ? ? ? ? ? TYPE_28_PAIR ? ? ? 
hydrog11 hydrog ? ? A DG 4  O6 ? ? ? 1_555 B DT 9  N3 ? ? A DG 4  B DT 21 1_555 ? ? ? ? ? ? TYPE_28_PAIR ? ? ? 
hydrog12 hydrog ? ? A DA 5  N1 ? ? ? 1_555 B DT 8  N3 ? ? A DA 5  B DT 20 1_555 ? ? ? ? ? ? WATSON-CRICK ? ? ? 
hydrog13 hydrog ? ? A DA 5  N6 ? ? ? 1_555 B DT 8  O4 ? ? A DA 5  B DT 20 1_555 ? ? ? ? ? ? WATSON-CRICK ? ? ? 
hydrog14 hydrog ? ? A DA 6  N1 ? ? ? 1_555 B DT 7  N3 ? ? A DA 6  B DT 19 1_555 ? ? ? ? ? ? WATSON-CRICK ? ? ? 
hydrog15 hydrog ? ? A DA 6  N6 ? ? ? 1_555 B DT 7  O4 ? ? A DA 6  B DT 19 1_555 ? ? ? ? ? ? WATSON-CRICK ? ? ? 
hydrog16 hydrog ? ? A DT 7  N3 ? ? ? 1_555 B DA 6  N1 ? ? A DT 7  B DA 18 1_555 ? ? ? ? ? ? WATSON-CRICK ? ? ? 
hydrog17 hydrog ? ? A DT 7  O4 ? ? ? 1_555 B DA 6  N6 ? ? A DT 7  B DA 18 1_555 ? ? ? ? ? ? WATSON-CRICK ? ? ? 
hydrog18 hydrog ? ? A DT 8  N3 ? ? ? 1_555 B DA 5  N1 ? ? A DT 8  B DA 17 1_555 ? ? ? ? ? ? WATSON-CRICK ? ? ? 
hydrog19 hydrog ? ? A DT 8  O4 ? ? ? 1_555 B DA 5  N6 ? ? A DT 8  B DA 17 1_555 ? ? ? ? ? ? WATSON-CRICK ? ? ? 
hydrog20 hydrog ? ? A DT 9  N3 ? ? ? 1_555 B DG 4  O6 ? ? A DT 9  B DG 16 1_555 ? ? ? ? ? ? TYPE_28_PAIR ? ? ? 
hydrog21 hydrog ? ? A DT 9  O2 ? ? ? 1_555 B DG 4  N1 ? ? A DT 9  B DG 16 1_555 ? ? ? ? ? ? TYPE_28_PAIR ? ? ? 
hydrog22 hydrog ? ? A DG 10 N1 ? ? ? 1_555 B DC 3  N3 ? ? A DG 10 B DC 15 1_555 ? ? ? ? ? ? WATSON-CRICK ? ? ? 
hydrog23 hydrog ? ? A DG 10 N2 ? ? ? 1_555 B DC 3  O2 ? ? A DG 10 B DC 15 1_555 ? ? ? ? ? ? WATSON-CRICK ? ? ? 
hydrog24 hydrog ? ? A DG 10 O6 ? ? ? 1_555 B DC 3  N4 ? ? A DG 10 B DC 15 1_555 ? ? ? ? ? ? WATSON-CRICK ? ? ? 
hydrog25 hydrog ? ? A DC 11 N3 ? ? ? 1_555 B DG 2  N1 ? ? A DC 11 B DG 14 1_555 ? ? ? ? ? ? WATSON-CRICK ? ? ? 
hydrog26 hydrog ? ? A DC 11 N4 ? ? ? 1_555 B DG 2  O6 ? ? A DC 11 B DG 14 1_555 ? ? ? ? ? ? WATSON-CRICK ? ? ? 
hydrog27 hydrog ? ? A DC 11 O2 ? ? ? 1_555 B DG 2  N2 ? ? A DC 11 B DG 14 1_555 ? ? ? ? ? ? WATSON-CRICK ? ? ? 
hydrog28 hydrog ? ? A DG 12 N1 ? ? ? 1_555 B DC 1  N3 ? ? A DG 12 B DC 13 1_555 ? ? ? ? ? ? WATSON-CRICK ? ? ? 
hydrog29 hydrog ? ? A DG 12 N2 ? ? ? 1_555 B DC 1  O2 ? ? A DG 12 B DC 13 1_555 ? ? ? ? ? ? WATSON-CRICK ? ? ? 
hydrog30 hydrog ? ? A DG 12 O6 ? ? ? 1_555 B DC 1  N4 ? ? A DG 12 B DC 13 1_555 ? ? ? ? ? ? WATSON-CRICK ? ? ? 
# 
_struct_conn_type.id          hydrog 
_struct_conn_type.criteria    ? 
_struct_conn_type.reference   ? 
# 
loop_
_pdbx_validate_rmsd_angle.id 
_pdbx_validate_rmsd_angle.PDB_model_num 
_pdbx_validate_rmsd_angle.auth_atom_id_1 
_pdbx_validate_rmsd_angle.auth_asym_id_1 
_pdbx_validate_rmsd_angle.auth_comp_id_1 
_pdbx_validate_rmsd_angle.auth_seq_id_1 
_pdbx_validate_rmsd_angle.PDB_ins_code_1 
_pdbx_validate_rmsd_angle.label_alt_id_1 
_pdbx_validate_rmsd_angle.auth_atom_id_2 
_pdbx_validate_rmsd_angle.auth_asym_id_2 
_pdbx_validate_rmsd_angle.auth_comp_id_2 
_pdbx_validate_rmsd_angle.auth_seq_id_2 
_pdbx_validate_rmsd_angle.PDB_ins_code_2 
_pdbx_validate_rmsd_angle.label_alt_id_2 
_pdbx_validate_rmsd_angle.auth_atom_id_3 
_pdbx_validate_rmsd_angle.auth_asym_id_3 
_pdbx_validate_rmsd_angle.auth_comp_id_3 
_pdbx_validate_rmsd_angle.auth_seq_id_3 
_pdbx_validate_rmsd_angle.PDB_ins_code_3 
_pdbx_validate_rmsd_angle.label_alt_id_3 
_pdbx_validate_rmsd_angle.angle_value 
_pdbx_validate_rmsd_angle.angle_target_value 
_pdbx_validate_rmsd_angle.angle_deviation 
_pdbx_validate_rmsd_angle.angle_standard_deviation 
_pdbx_validate_rmsd_angle.linker_flag 
1  1 "O4'" A DC 1  ? ? "C4'" A DC 1  ? ? "C3'" A DC 1  ? ? 109.72 106.00 3.72  0.60 N 
2  1 "C5'" A DC 1  ? ? "C4'" A DC 1  ? ? "C3'" A DC 1  ? ? 126.09 115.70 10.39 1.20 N 
3  1 "C5'" A DC 1  ? ? "C4'" A DC 1  ? ? "O4'" A DC 1  ? ? 117.45 109.80 7.65  1.10 N 
4  1 "O4'" A DG 2  ? ? "C1'" A DG 2  ? ? N9    A DG 2  ? ? 112.27 108.30 3.97  0.30 N 
5  1 "O4'" A DC 3  ? ? "C1'" A DC 3  ? ? N1    A DC 3  ? ? 114.09 108.30 5.79  0.30 N 
6  1 "O5'" A DG 4  ? ? "C5'" A DG 4  ? ? "C4'" A DG 4  ? ? 104.44 109.40 -4.96 0.80 N 
7  1 P     A DA 5  ? ? "O5'" A DA 5  ? ? "C5'" A DA 5  ? ? 131.77 120.90 10.87 1.60 N 
8  1 "O4'" A DA 5  ? ? "C1'" A DA 5  ? ? N9    A DA 5  ? ? 102.66 108.00 -5.34 0.70 N 
9  1 C6    A DA 5  ? ? N1    A DA 5  ? ? C2    A DA 5  ? ? 122.77 118.60 4.17  0.60 N 
10 1 N1    A DA 5  ? ? C2    A DA 5  ? ? N3    A DA 5  ? ? 124.86 129.30 -4.44 0.50 N 
11 1 C2    A DT 7  ? ? N3    A DT 7  ? ? C4    A DT 7  ? ? 131.47 127.20 4.27  0.60 N 
12 1 N1    A DT 7  ? ? C2    A DT 7  ? ? O2    A DT 7  ? ? 129.49 123.10 6.39  0.80 N 
13 1 N3    A DT 7  ? ? C2    A DT 7  ? ? O2    A DT 7  ? ? 118.08 122.30 -4.22 0.60 N 
14 1 C6    A DT 9  ? ? C5    A DT 9  ? ? C7    A DT 9  ? ? 118.95 122.90 -3.95 0.60 N 
15 1 "O4'" A DG 10 ? ? "C1'" A DG 10 ? ? N9    A DG 10 ? ? 115.30 108.30 7.00  0.30 N 
16 1 C8    A DG 10 ? ? N9    A DG 10 ? ? C4    A DG 10 ? ? 103.90 106.40 -2.50 0.40 N 
17 1 N1    A DG 10 ? ? C6    A DG 10 ? ? O6    A DG 10 ? ? 123.60 119.90 3.70  0.60 N 
18 1 N3    B DC 13 ? ? C4    B DC 13 ? ? N4    B DC 13 ? ? 122.36 118.00 4.36  0.70 N 
19 1 C5    B DC 13 ? ? C4    B DC 13 ? ? N4    B DC 13 ? ? 115.92 120.20 -4.28 0.70 N 
20 1 "O4'" B DC 15 ? ? "C1'" B DC 15 ? ? N1    B DC 15 ? ? 112.48 108.30 4.18  0.30 N 
21 1 "O4'" B DG 16 ? ? "C1'" B DG 16 ? ? N9    B DG 16 ? ? 112.43 108.30 4.13  0.30 N 
22 1 "C3'" B DG 16 ? ? "O3'" B DG 16 ? ? P     B DA 17 ? ? 128.73 119.70 9.03  1.20 Y 
23 1 N1    B DA 17 ? ? C2    B DA 17 ? ? N3    B DA 17 ? ? 125.55 129.30 -3.75 0.50 N 
24 1 "C3'" B DA 17 ? ? "O3'" B DA 17 ? ? P     B DA 18 ? ? 128.85 119.70 9.15  1.20 Y 
25 1 "O4'" B DA 18 ? ? "C1'" B DA 18 ? ? N9    B DA 18 ? ? 101.35 108.00 -6.65 0.70 N 
26 1 C6    B DA 18 ? ? N1    B DA 18 ? ? C2    B DA 18 ? ? 124.86 118.60 6.26  0.60 N 
27 1 N1    B DA 18 ? ? C2    B DA 18 ? ? N3    B DA 18 ? ? 122.98 129.30 -6.32 0.50 N 
28 1 N3    B DT 20 ? ? C2    B DT 20 ? ? O2    B DT 20 ? ? 118.49 122.30 -3.81 0.60 N 
29 1 C6    B DT 21 ? ? C5    B DT 21 ? ? C7    B DT 21 ? ? 119.18 122.90 -3.72 0.60 N 
30 1 "O4'" B DG 22 ? ? "C1'" B DG 22 ? ? N9    B DG 22 ? ? 112.17 108.30 3.87  0.30 N 
31 1 "O4'" B DC 23 ? ? "C1'" B DC 23 ? ? N1    B DC 23 ? ? 110.79 108.30 2.49  0.30 N 
# 
loop_
_refine_B_iso.class 
_refine_B_iso.details 
_refine_B_iso.treatment 
_refine_B_iso.pdbx_refine_id 
'ALL ATOMS'  TR isotropic 'X-RAY DIFFRACTION' 
'ALL WATERS' TR isotropic 'X-RAY DIFFRACTION' 
# 
loop_
_refine_occupancy.class 
_refine_occupancy.treatment 
_refine_occupancy.pdbx_refine_id 
'ALL ATOMS'  fix 'X-RAY DIFFRACTION' 
'ALL WATERS' fix 'X-RAY DIFFRACTION' 
# 
loop_
_chem_comp_atom.comp_id 
_chem_comp_atom.atom_id 
_chem_comp_atom.type_symbol 
_chem_comp_atom.pdbx_aromatic_flag 
_chem_comp_atom.pdbx_stereo_config 
_chem_comp_atom.pdbx_ordinal 
DA  OP3    O N N 1   
DA  P      P N N 2   
DA  OP1    O N N 3   
DA  OP2    O N N 4   
DA  "O5'"  O N N 5   
DA  "C5'"  C N N 6   
DA  "C4'"  C N R 7   
DA  "O4'"  O N N 8   
DA  "C3'"  C N S 9   
DA  "O3'"  O N N 10  
DA  "C2'"  C N N 11  
DA  "C1'"  C N R 12  
DA  N9     N Y N 13  
DA  C8     C Y N 14  
DA  N7     N Y N 15  
DA  C5     C Y N 16  
DA  C6     C Y N 17  
DA  N6     N N N 18  
DA  N1     N Y N 19  
DA  C2     C Y N 20  
DA  N3     N Y N 21  
DA  C4     C Y N 22  
DA  HOP3   H N N 23  
DA  HOP2   H N N 24  
DA  "H5'"  H N N 25  
DA  "H5''" H N N 26  
DA  "H4'"  H N N 27  
DA  "H3'"  H N N 28  
DA  "HO3'" H N N 29  
DA  "H2'"  H N N 30  
DA  "H2''" H N N 31  
DA  "H1'"  H N N 32  
DA  H8     H N N 33  
DA  H61    H N N 34  
DA  H62    H N N 35  
DA  H2     H N N 36  
DC  OP3    O N N 37  
DC  P      P N N 38  
DC  OP1    O N N 39  
DC  OP2    O N N 40  
DC  "O5'"  O N N 41  
DC  "C5'"  C N N 42  
DC  "C4'"  C N R 43  
DC  "O4'"  O N N 44  
DC  "C3'"  C N S 45  
DC  "O3'"  O N N 46  
DC  "C2'"  C N N 47  
DC  "C1'"  C N R 48  
DC  N1     N N N 49  
DC  C2     C N N 50  
DC  O2     O N N 51  
DC  N3     N N N 52  
DC  C4     C N N 53  
DC  N4     N N N 54  
DC  C5     C N N 55  
DC  C6     C N N 56  
DC  HOP3   H N N 57  
DC  HOP2   H N N 58  
DC  "H5'"  H N N 59  
DC  "H5''" H N N 60  
DC  "H4'"  H N N 61  
DC  "H3'"  H N N 62  
DC  "HO3'" H N N 63  
DC  "H2'"  H N N 64  
DC  "H2''" H N N 65  
DC  "H1'"  H N N 66  
DC  H41    H N N 67  
DC  H42    H N N 68  
DC  H5     H N N 69  
DC  H6     H N N 70  
DG  OP3    O N N 71  
DG  P      P N N 72  
DG  OP1    O N N 73  
DG  OP2    O N N 74  
DG  "O5'"  O N N 75  
DG  "C5'"  C N N 76  
DG  "C4'"  C N R 77  
DG  "O4'"  O N N 78  
DG  "C3'"  C N S 79  
DG  "O3'"  O N N 80  
DG  "C2'"  C N N 81  
DG  "C1'"  C N R 82  
DG  N9     N Y N 83  
DG  C8     C Y N 84  
DG  N7     N Y N 85  
DG  C5     C Y N 86  
DG  C6     C N N 87  
DG  O6     O N N 88  
DG  N1     N N N 89  
DG  C2     C N N 90  
DG  N2     N N N 91  
DG  N3     N N N 92  
DG  C4     C Y N 93  
DG  HOP3   H N N 94  
DG  HOP2   H N N 95  
DG  "H5'"  H N N 96  
DG  "H5''" H N N 97  
DG  "H4'"  H N N 98  
DG  "H3'"  H N N 99  
DG  "HO3'" H N N 100 
DG  "H2'"  H N N 101 
DG  "H2''" H N N 102 
DG  "H1'"  H N N 103 
DG  H8     H N N 104 
DG  H1     H N N 105 
DG  H21    H N N 106 
DG  H22    H N N 107 
DT  OP3    O N N 108 
DT  P      P N N 109 
DT  OP1    O N N 110 
DT  OP2    O N N 111 
DT  "O5'"  O N N 112 
DT  "C5'"  C N N 113 
DT  "C4'"  C N R 114 
DT  "O4'"  O N N 115 
DT  "C3'"  C N S 116 
DT  "O3'"  O N N 117 
DT  "C2'"  C N N 118 
DT  "C1'"  C N R 119 
DT  N1     N N N 120 
DT  C2     C N N 121 
DT  O2     O N N 122 
DT  N3     N N N 123 
DT  C4     C N N 124 
DT  O4     O N N 125 
DT  C5     C N N 126 
DT  C7     C N N 127 
DT  C6     C N N 128 
DT  HOP3   H N N 129 
DT  HOP2   H N N 130 
DT  "H5'"  H N N 131 
DT  "H5''" H N N 132 
DT  "H4'"  H N N 133 
DT  "H3'"  H N N 134 
DT  "HO3'" H N N 135 
DT  "H2'"  H N N 136 
DT  "H2''" H N N 137 
DT  "H1'"  H N N 138 
DT  H3     H N N 139 
DT  H71    H N N 140 
DT  H72    H N N 141 
DT  H73    H N N 142 
DT  H6     H N N 143 
HOH O      O N N 144 
HOH H1     H N N 145 
HOH H2     H N N 146 
# 
loop_
_chem_comp_bond.comp_id 
_chem_comp_bond.atom_id_1 
_chem_comp_bond.atom_id_2 
_chem_comp_bond.value_order 
_chem_comp_bond.pdbx_aromatic_flag 
_chem_comp_bond.pdbx_stereo_config 
_chem_comp_bond.pdbx_ordinal 
DA  OP3   P      sing N N 1   
DA  OP3   HOP3   sing N N 2   
DA  P     OP1    doub N N 3   
DA  P     OP2    sing N N 4   
DA  P     "O5'"  sing N N 5   
DA  OP2   HOP2   sing N N 6   
DA  "O5'" "C5'"  sing N N 7   
DA  "C5'" "C4'"  sing N N 8   
DA  "C5'" "H5'"  sing N N 9   
DA  "C5'" "H5''" sing N N 10  
DA  "C4'" "O4'"  sing N N 11  
DA  "C4'" "C3'"  sing N N 12  
DA  "C4'" "H4'"  sing N N 13  
DA  "O4'" "C1'"  sing N N 14  
DA  "C3'" "O3'"  sing N N 15  
DA  "C3'" "C2'"  sing N N 16  
DA  "C3'" "H3'"  sing N N 17  
DA  "O3'" "HO3'" sing N N 18  
DA  "C2'" "C1'"  sing N N 19  
DA  "C2'" "H2'"  sing N N 20  
DA  "C2'" "H2''" sing N N 21  
DA  "C1'" N9     sing N N 22  
DA  "C1'" "H1'"  sing N N 23  
DA  N9    C8     sing Y N 24  
DA  N9    C4     sing Y N 25  
DA  C8    N7     doub Y N 26  
DA  C8    H8     sing N N 27  
DA  N7    C5     sing Y N 28  
DA  C5    C6     sing Y N 29  
DA  C5    C4     doub Y N 30  
DA  C6    N6     sing N N 31  
DA  C6    N1     doub Y N 32  
DA  N6    H61    sing N N 33  
DA  N6    H62    sing N N 34  
DA  N1    C2     sing Y N 35  
DA  C2    N3     doub Y N 36  
DA  C2    H2     sing N N 37  
DA  N3    C4     sing Y N 38  
DC  OP3   P      sing N N 39  
DC  OP3   HOP3   sing N N 40  
DC  P     OP1    doub N N 41  
DC  P     OP2    sing N N 42  
DC  P     "O5'"  sing N N 43  
DC  OP2   HOP2   sing N N 44  
DC  "O5'" "C5'"  sing N N 45  
DC  "C5'" "C4'"  sing N N 46  
DC  "C5'" "H5'"  sing N N 47  
DC  "C5'" "H5''" sing N N 48  
DC  "C4'" "O4'"  sing N N 49  
DC  "C4'" "C3'"  sing N N 50  
DC  "C4'" "H4'"  sing N N 51  
DC  "O4'" "C1'"  sing N N 52  
DC  "C3'" "O3'"  sing N N 53  
DC  "C3'" "C2'"  sing N N 54  
DC  "C3'" "H3'"  sing N N 55  
DC  "O3'" "HO3'" sing N N 56  
DC  "C2'" "C1'"  sing N N 57  
DC  "C2'" "H2'"  sing N N 58  
DC  "C2'" "H2''" sing N N 59  
DC  "C1'" N1     sing N N 60  
DC  "C1'" "H1'"  sing N N 61  
DC  N1    C2     sing N N 62  
DC  N1    C6     sing N N 63  
DC  C2    O2     doub N N 64  
DC  C2    N3     sing N N 65  
DC  N3    C4     doub N N 66  
DC  C4    N4     sing N N 67  
DC  C4    C5     sing N N 68  
DC  N4    H41    sing N N 69  
DC  N4    H42    sing N N 70  
DC  C5    C6     doub N N 71  
DC  C5    H5     sing N N 72  
DC  C6    H6     sing N N 73  
DG  OP3   P      sing N N 74  
DG  OP3   HOP3   sing N N 75  
DG  P     OP1    doub N N 76  
DG  P     OP2    sing N N 77  
DG  P     "O5'"  sing N N 78  
DG  OP2   HOP2   sing N N 79  
DG  "O5'" "C5'"  sing N N 80  
DG  "C5'" "C4'"  sing N N 81  
DG  "C5'" "H5'"  sing N N 82  
DG  "C5'" "H5''" sing N N 83  
DG  "C4'" "O4'"  sing N N 84  
DG  "C4'" "C3'"  sing N N 85  
DG  "C4'" "H4'"  sing N N 86  
DG  "O4'" "C1'"  sing N N 87  
DG  "C3'" "O3'"  sing N N 88  
DG  "C3'" "C2'"  sing N N 89  
DG  "C3'" "H3'"  sing N N 90  
DG  "O3'" "HO3'" sing N N 91  
DG  "C2'" "C1'"  sing N N 92  
DG  "C2'" "H2'"  sing N N 93  
DG  "C2'" "H2''" sing N N 94  
DG  "C1'" N9     sing N N 95  
DG  "C1'" "H1'"  sing N N 96  
DG  N9    C8     sing Y N 97  
DG  N9    C4     sing Y N 98  
DG  C8    N7     doub Y N 99  
DG  C8    H8     sing N N 100 
DG  N7    C5     sing Y N 101 
DG  C5    C6     sing N N 102 
DG  C5    C4     doub Y N 103 
DG  C6    O6     doub N N 104 
DG  C6    N1     sing N N 105 
DG  N1    C2     sing N N 106 
DG  N1    H1     sing N N 107 
DG  C2    N2     sing N N 108 
DG  C2    N3     doub N N 109 
DG  N2    H21    sing N N 110 
DG  N2    H22    sing N N 111 
DG  N3    C4     sing N N 112 
DT  OP3   P      sing N N 113 
DT  OP3   HOP3   sing N N 114 
DT  P     OP1    doub N N 115 
DT  P     OP2    sing N N 116 
DT  P     "O5'"  sing N N 117 
DT  OP2   HOP2   sing N N 118 
DT  "O5'" "C5'"  sing N N 119 
DT  "C5'" "C4'"  sing N N 120 
DT  "C5'" "H5'"  sing N N 121 
DT  "C5'" "H5''" sing N N 122 
DT  "C4'" "O4'"  sing N N 123 
DT  "C4'" "C3'"  sing N N 124 
DT  "C4'" "H4'"  sing N N 125 
DT  "O4'" "C1'"  sing N N 126 
DT  "C3'" "O3'"  sing N N 127 
DT  "C3'" "C2'"  sing N N 128 
DT  "C3'" "H3'"  sing N N 129 
DT  "O3'" "HO3'" sing N N 130 
DT  "C2'" "C1'"  sing N N 131 
DT  "C2'" "H2'"  sing N N 132 
DT  "C2'" "H2''" sing N N 133 
DT  "C1'" N1     sing N N 134 
DT  "C1'" "H1'"  sing N N 135 
DT  N1    C2     sing N N 136 
DT  N1    C6     sing N N 137 
DT  C2    O2     doub N N 138 
DT  C2    N3     sing N N 139 
DT  N3    C4     sing N N 140 
DT  N3    H3     sing N N 141 
DT  C4    O4     doub N N 142 
DT  C4    C5     sing N N 143 
DT  C5    C7     sing N N 144 
DT  C5    C6     doub N N 145 
DT  C7    H71    sing N N 146 
DT  C7    H72    sing N N 147 
DT  C7    H73    sing N N 148 
DT  C6    H6     sing N N 149 
HOH O     H1     sing N N 150 
HOH O     H2     sing N N 151 
# 
loop_
_ndb_struct_conf_na.entry_id 
_ndb_struct_conf_na.feature 
113D 'double helix'         
113D 'b-form double helix'  
113D 'mismatched base pair' 
# 
loop_
_ndb_struct_na_base_pair.model_number 
_ndb_struct_na_base_pair.i_label_asym_id 
_ndb_struct_na_base_pair.i_label_comp_id 
_ndb_struct_na_base_pair.i_label_seq_id 
_ndb_struct_na_base_pair.i_symmetry 
_ndb_struct_na_base_pair.j_label_asym_id 
_ndb_struct_na_base_pair.j_label_comp_id 
_ndb_struct_na_base_pair.j_label_seq_id 
_ndb_struct_na_base_pair.j_symmetry 
_ndb_struct_na_base_pair.shear 
_ndb_struct_na_base_pair.stretch 
_ndb_struct_na_base_pair.stagger 
_ndb_struct_na_base_pair.buckle 
_ndb_struct_na_base_pair.propeller 
_ndb_struct_na_base_pair.opening 
_ndb_struct_na_base_pair.pair_number 
_ndb_struct_na_base_pair.pair_name 
_ndb_struct_na_base_pair.i_auth_asym_id 
_ndb_struct_na_base_pair.i_auth_seq_id 
_ndb_struct_na_base_pair.i_PDB_ins_code 
_ndb_struct_na_base_pair.j_auth_asym_id 
_ndb_struct_na_base_pair.j_auth_seq_id 
_ndb_struct_na_base_pair.j_PDB_ins_code 
_ndb_struct_na_base_pair.hbond_type_28 
_ndb_struct_na_base_pair.hbond_type_12 
1 A DC 1  1_555 B DG 12 1_555 0.371  -0.343 0.405  1.431   -12.532 -6.764 1  A_DC1:DG24_B  A 1  ? B 24 ? 19 1 
1 A DG 2  1_555 B DC 11 1_555 -0.363 -0.421 0.597  -1.119  -13.823 -6.914 2  A_DG2:DC23_B  A 2  ? B 23 ? 19 1 
1 A DC 3  1_555 B DG 10 1_555 -0.678 -0.298 0.735  -14.025 -6.889  -4.610 3  A_DC3:DG22_B  A 3  ? B 22 ? 19 1 
1 A DG 4  1_555 B DT 9  1_555 -2.486 -0.642 -0.035 13.414  -8.323  -3.045 4  A_DG4:DT21_B  A 4  ? B 21 ? 28 ? 
1 A DA 5  1_555 B DT 8  1_555 -0.085 -0.239 -0.309 4.375   -13.005 5.765  5  A_DA5:DT20_B  A 5  ? B 20 ? 20 1 
1 A DA 6  1_555 B DT 7  1_555 -0.560 -0.354 0.276  8.467   -17.826 1.234  6  A_DA6:DT19_B  A 6  ? B 19 ? 20 1 
1 A DT 7  1_555 B DA 6  1_555 -0.444 -0.261 -0.072 -1.377  -16.028 7.022  7  A_DT7:DA18_B  A 7  ? B 18 ? 20 1 
1 A DT 8  1_555 B DA 5  1_555 0.467  -0.305 -0.007 -5.659  -17.027 3.323  8  A_DT8:DA17_B  A 8  ? B 17 ? 20 1 
1 A DT 9  1_555 B DG 4  1_555 2.717  -0.667 -0.101 -9.931  -10.158 2.329  9  A_DT9:DG16_B  A 9  ? B 16 ? 28 ? 
1 A DG 10 1_555 B DC 3  1_555 0.054  -0.215 0.458  14.781  2.730   -4.369 10 A_DG10:DC15_B A 10 ? B 15 ? 19 1 
1 A DC 11 1_555 B DG 2  1_555 1.059  -0.654 0.525  -0.870  -16.161 -6.896 11 A_DC11:DG14_B A 11 ? B 14 ? 19 1 
1 A DG 12 1_555 B DC 1  1_555 0.594  -0.204 0.235  2.031   0.090   -7.832 12 A_DG12:DC13_B A 12 ? B 13 ? 19 1 
# 
loop_
_ndb_struct_na_base_pair_step.model_number 
_ndb_struct_na_base_pair_step.i_label_asym_id_1 
_ndb_struct_na_base_pair_step.i_label_comp_id_1 
_ndb_struct_na_base_pair_step.i_label_seq_id_1 
_ndb_struct_na_base_pair_step.i_symmetry_1 
_ndb_struct_na_base_pair_step.j_label_asym_id_1 
_ndb_struct_na_base_pair_step.j_label_comp_id_1 
_ndb_struct_na_base_pair_step.j_label_seq_id_1 
_ndb_struct_na_base_pair_step.j_symmetry_1 
_ndb_struct_na_base_pair_step.i_label_asym_id_2 
_ndb_struct_na_base_pair_step.i_label_comp_id_2 
_ndb_struct_na_base_pair_step.i_label_seq_id_2 
_ndb_struct_na_base_pair_step.i_symmetry_2 
_ndb_struct_na_base_pair_step.j_label_asym_id_2 
_ndb_struct_na_base_pair_step.j_label_comp_id_2 
_ndb_struct_na_base_pair_step.j_label_seq_id_2 
_ndb_struct_na_base_pair_step.j_symmetry_2 
_ndb_struct_na_base_pair_step.shift 
_ndb_struct_na_base_pair_step.slide 
_ndb_struct_na_base_pair_step.rise 
_ndb_struct_na_base_pair_step.tilt 
_ndb_struct_na_base_pair_step.roll 
_ndb_struct_na_base_pair_step.twist 
_ndb_struct_na_base_pair_step.x_displacement 
_ndb_struct_na_base_pair_step.y_displacement 
_ndb_struct_na_base_pair_step.helical_rise 
_ndb_struct_na_base_pair_step.inclination 
_ndb_struct_na_base_pair_step.tip 
_ndb_struct_na_base_pair_step.helical_twist 
_ndb_struct_na_base_pair_step.step_number 
_ndb_struct_na_base_pair_step.step_name 
_ndb_struct_na_base_pair_step.i_auth_asym_id_1 
_ndb_struct_na_base_pair_step.i_auth_seq_id_1 
_ndb_struct_na_base_pair_step.i_PDB_ins_code_1 
_ndb_struct_na_base_pair_step.j_auth_asym_id_1 
_ndb_struct_na_base_pair_step.j_auth_seq_id_1 
_ndb_struct_na_base_pair_step.j_PDB_ins_code_1 
_ndb_struct_na_base_pair_step.i_auth_asym_id_2 
_ndb_struct_na_base_pair_step.i_auth_seq_id_2 
_ndb_struct_na_base_pair_step.i_PDB_ins_code_2 
_ndb_struct_na_base_pair_step.j_auth_asym_id_2 
_ndb_struct_na_base_pair_step.j_auth_seq_id_2 
_ndb_struct_na_base_pair_step.j_PDB_ins_code_2 
1 A DC 1  1_555 B DG 12 1_555 A DG 2  1_555 B DC 11 1_555 -0.007 -0.149 3.400 -1.684 2.347  31.626 -0.719 -0.308 3.376 4.294   
3.081   31.754 1  AA_DC1DG2:DC23DG24_BB   A 1  ? B 24 ? A 2  ? B 23 ? 
1 A DG 2  1_555 B DC 11 1_555 A DC 3  1_555 B DG 10 1_555 0.781  0.080  3.774 2.494  -7.062 38.069 1.123  -0.823 3.742 -10.700 
-3.778  38.772 2  AA_DG2DC3:DG22DC23_BB   A 2  ? B 23 ? A 3  ? B 22 ? 
1 A DC 3  1_555 B DG 10 1_555 A DG 4  1_555 B DT 9  1_555 0.057  0.309  2.773 3.807  6.395  19.330 -1.548 1.274  2.696 18.196  
-10.832 20.701 3  AA_DC3DG4:DT21DG22_BB   A 3  ? B 22 ? A 4  ? B 21 ? 
1 A DG 4  1_555 B DT 9  1_555 A DA 5  1_555 B DT 8  1_555 -0.138 0.472  3.556 -0.206 6.103  46.645 0.041  0.154  3.588 7.669   
0.259   47.021 4  AA_DG4DA5:DT20DT21_BB   A 4  ? B 21 ? A 5  ? B 20 ? 
1 A DA 5  1_555 B DT 8  1_555 A DA 6  1_555 B DT 7  1_555 -0.178 0.167  2.941 -4.580 0.652  35.910 0.187  -0.295 2.943 1.052   
7.390   36.197 5  AA_DA5DA6:DT19DT20_BB   A 5  ? B 20 ? A 6  ? B 19 ? 
1 A DA 6  1_555 B DT 7  1_555 A DT 7  1_555 B DA 6  1_555 0.248  -0.304 3.608 2.444  -2.597 34.717 -0.070 -0.002 3.629 -4.337  
-4.082  34.894 6  AA_DA6DT7:DA18DT19_BB   A 6  ? B 19 ? A 7  ? B 18 ? 
1 A DT 7  1_555 B DA 6  1_555 A DT 8  1_555 B DA 5  1_555 -0.280 0.160  3.400 1.839  0.900  40.192 0.127  0.624  3.387 1.309   
-2.674  40.242 7  AA_DT7DT8:DA17DA18_BB   A 7  ? B 18 ? A 8  ? B 17 ? 
1 A DT 8  1_555 B DA 5  1_555 A DT 9  1_555 B DG 4  1_555 0.424  0.190  3.482 0.438  -2.662 47.645 0.460  -0.487 3.470 -3.292  
-0.541  47.717 8  AA_DT8DT9:DG16DA17_BB   A 8  ? B 17 ? A 9  ? B 16 ? 
1 A DT 9  1_555 B DG 4  1_555 A DG 10 1_555 B DC 3  1_555 -0.204 0.436  2.804 -3.385 6.546  17.707 -1.641 -0.914 2.775 20.168  
10.429  19.168 9  AA_DT9DG10:DC15DG16_BB  A 9  ? B 16 ? A 10 ? B 15 ? 
1 A DG 10 1_555 B DC 3  1_555 A DC 11 1_555 B DG 2  1_555 -1.060 0.612  3.874 -2.322 -9.085 45.218 1.696  1.119  3.738 -11.667 
2.982   46.130 10 AA_DG10DC11:DG14DC15_BB A 10 ? B 15 ? A 11 ? B 14 ? 
1 A DC 11 1_555 B DG 2  1_555 A DG 12 1_555 B DC 1  1_555 -0.339 0.109  3.460 2.484  -3.703 35.377 0.744  0.933  3.401 -6.063  
-4.067  35.648 11 AA_DC11DG12:DC13DG14_BB A 11 ? B 14 ? A 12 ? B 13 ? 
# 
_atom_sites.entry_id                    113D 
_atom_sites.fract_transf_matrix[1][1]   -0.03574921 
_atom_sites.fract_transf_matrix[1][2]   -0.01448550 
_atom_sites.fract_transf_matrix[1][3]   -0.00681565 
_atom_sites.fract_transf_matrix[2][1]   0.00975137 
_atom_sites.fract_transf_matrix[2][2]   -0.02157286 
_atom_sites.fract_transf_matrix[2][3]   -0.00529811 
_atom_sites.fract_transf_matrix[3][1]   -0.00112702 
_atom_sites.fract_transf_matrix[3][2]   -0.00410267 
_atom_sites.fract_transf_matrix[3][3]   0.01463093 
_atom_sites.fract_transf_vector[1]      0.587337 
_atom_sites.fract_transf_vector[2]      0.525429 
_atom_sites.fract_transf_vector[3]      0.123808 
# 
loop_
_atom_type.symbol 
C 
N 
O 
P 
# 
loop_
_atom_site.group_PDB 
_atom_site.id 
_atom_site.type_symbol 
_atom_site.label_atom_id 
_atom_site.label_alt_id 
_atom_site.label_comp_id 
_atom_site.label_asym_id 
_atom_site.label_entity_id 
_atom_site.label_seq_id 
_atom_site.pdbx_PDB_ins_code 
_atom_site.Cartn_x 
_atom_site.Cartn_y 
_atom_site.Cartn_z 
_atom_site.occupancy 
_atom_site.B_iso_or_equiv 
_atom_site.pdbx_formal_charge 
_atom_site.auth_seq_id 
_atom_site.auth_comp_id 
_atom_site.auth_asym_id 
_atom_site.auth_atom_id 
_atom_site.pdbx_PDB_model_num 
ATOM   1   O "O5'" . DC  A 1 1  ? -0.729  -19.148 10.649  1.00 36.00 ? 1  DC  A "O5'" 1 
ATOM   2   C "C5'" . DC  A 1 1  ? -0.253  -18.052 11.513  1.00 36.00 ? 1  DC  A "C5'" 1 
ATOM   3   C "C4'" . DC  A 1 1  ? -1.211  -16.925 11.427  1.00 36.00 ? 1  DC  A "C4'" 1 
ATOM   4   O "O4'" . DC  A 1 1  ? -1.195  -15.993 12.455  1.00 36.00 ? 1  DC  A "O4'" 1 
ATOM   5   C "C3'" . DC  A 1 1  ? -1.707  -16.277 10.163  1.00 36.00 ? 1  DC  A "C3'" 1 
ATOM   6   O "O3'" . DC  A 1 1  ? -3.030  -16.786 9.891   1.00 36.00 ? 1  DC  A "O3'" 1 
ATOM   7   C "C2'" . DC  A 1 1  ? -1.650  -14.806 10.449  1.00 36.00 ? 1  DC  A "C2'" 1 
ATOM   8   C "C1'" . DC  A 1 1  ? -1.622  -14.686 11.955  1.00 36.00 ? 1  DC  A "C1'" 1 
ATOM   9   N N1    . DC  A 1 1  ? -0.793  -13.646 12.570  1.00 28.00 ? 1  DC  A N1    1 
ATOM   10  C C2    . DC  A 1 1  ? -1.422  -12.660 13.359  1.00 28.00 ? 1  DC  A C2    1 
ATOM   11  O O2    . DC  A 1 1  ? -2.648  -12.686 13.476  1.00 28.00 ? 1  DC  A O2    1 
ATOM   12  N N3    . DC  A 1 1  ? -0.667  -11.720 13.961  1.00 28.00 ? 1  DC  A N3    1 
ATOM   13  C C4    . DC  A 1 1  ? 0.656   -11.745 13.837  1.00 28.00 ? 1  DC  A C4    1 
ATOM   14  N N4    . DC  A 1 1  ? 1.433   -10.825 14.408  1.00 28.00 ? 1  DC  A N4    1 
ATOM   15  C C5    . DC  A 1 1  ? 1.311   -12.749 13.052  1.00 28.00 ? 1  DC  A C5    1 
ATOM   16  C C6    . DC  A 1 1  ? 0.570   -13.659 12.446  1.00 28.00 ? 1  DC  A C6    1 
ATOM   17  P P     . DG  A 1 2  ? -3.935  -16.399 8.631   1.00 41.00 ? 2  DG  A P     1 
ATOM   18  O OP1   . DG  A 1 2  ? -5.099  -17.331 8.567   1.00 41.00 ? 2  DG  A OP1   1 
ATOM   19  O OP2   . DG  A 1 2  ? -3.001  -16.413 7.462   1.00 41.00 ? 2  DG  A OP2   1 
ATOM   20  O "O5'" . DG  A 1 2  ? -4.444  -14.916 8.960   1.00 31.00 ? 2  DG  A "O5'" 1 
ATOM   21  C "C5'" . DG  A 1 2  ? -5.447  -14.738 9.999   1.00 31.00 ? 2  DG  A "C5'" 1 
ATOM   22  C "C4'" . DG  A 1 2  ? -6.051  -13.367 10.077  1.00 31.00 ? 2  DG  A "C4'" 1 
ATOM   23  O "O4'" . DG  A 1 2  ? -5.197  -12.463 10.820  1.00 31.00 ? 2  DG  A "O4'" 1 
ATOM   24  C "C3'" . DG  A 1 2  ? -6.315  -12.674 8.768   1.00 31.00 ? 2  DG  A "C3'" 1 
ATOM   25  O "O3'" . DG  A 1 2  ? -7.407  -11.774 8.663   1.00 31.00 ? 2  DG  A "O3'" 1 
ATOM   26  C "C2'" . DG  A 1 2  ? -5.021  -11.899 8.524   1.00 31.00 ? 2  DG  A "C2'" 1 
ATOM   27  C "C1'" . DG  A 1 2  ? -4.747  -11.419 9.944   1.00 31.00 ? 2  DG  A "C1'" 1 
ATOM   28  N N9    . DG  A 1 2  ? -3.368  -11.025 10.216  1.00 19.00 ? 2  DG  A N9    1 
ATOM   29  C C8    . DG  A 1 2  ? -2.143  -11.538 9.784   1.00 19.00 ? 2  DG  A C8    1 
ATOM   30  N N7    . DG  A 1 2  ? -1.107  -10.876 10.206  1.00 19.00 ? 2  DG  A N7    1 
ATOM   31  C C5    . DG  A 1 2  ? -1.652  -9.861  10.995  1.00 19.00 ? 2  DG  A C5    1 
ATOM   32  C C6    . DG  A 1 2  ? -1.005  -8.853  11.725  1.00 19.00 ? 2  DG  A C6    1 
ATOM   33  O O6    . DG  A 1 2  ? 0.217   -8.671  11.794  1.00 19.00 ? 2  DG  A O6    1 
ATOM   34  N N1    . DG  A 1 2  ? -1.913  -8.022  12.387  1.00 19.00 ? 2  DG  A N1    1 
ATOM   35  C C2    . DG  A 1 2  ? -3.276  -8.167  12.357  1.00 19.00 ? 2  DG  A C2    1 
ATOM   36  N N2    . DG  A 1 2  ? -4.038  -7.284  13.025  1.00 19.00 ? 2  DG  A N2    1 
ATOM   37  N N3    . DG  A 1 2  ? -3.904  -9.121  11.651  1.00 19.00 ? 2  DG  A N3    1 
ATOM   38  C C4    . DG  A 1 2  ? -3.028  -9.929  11.007  1.00 19.00 ? 2  DG  A C4    1 
ATOM   39  P P     . DC  A 1 3  ? -7.998  -11.403 7.176   1.00 38.00 ? 3  DC  A P     1 
ATOM   40  O OP1   . DC  A 1 3  ? -9.240  -12.224 7.028   1.00 38.00 ? 3  DC  A OP1   1 
ATOM   41  O OP2   . DC  A 1 3  ? -6.964  -11.605 6.113   1.00 38.00 ? 3  DC  A OP2   1 
ATOM   42  O "O5'" . DC  A 1 3  ? -8.291  -9.841  7.319   1.00 24.00 ? 3  DC  A "O5'" 1 
ATOM   43  C "C5'" . DC  A 1 3  ? -8.925  -9.224  8.420   1.00 24.00 ? 3  DC  A "C5'" 1 
ATOM   44  C "C4'" . DC  A 1 3  ? -8.123  -8.049  8.880   1.00 24.00 ? 3  DC  A "C4'" 1 
ATOM   45  O "O4'" . DC  A 1 3  ? -6.800  -8.375  9.266   1.00 24.00 ? 3  DC  A "O4'" 1 
ATOM   46  C "C3'" . DC  A 1 3  ? -7.938  -6.915  7.886   1.00 24.00 ? 3  DC  A "C3'" 1 
ATOM   47  O "O3'" . DC  A 1 3  ? -9.135  -6.138  7.793   1.00 24.00 ? 3  DC  A "O3'" 1 
ATOM   48  C "C2'" . DC  A 1 3  ? -6.818  -6.099  8.516   1.00 24.00 ? 3  DC  A "C2'" 1 
ATOM   49  C "C1'" . DC  A 1 3  ? -6.021  -7.152  9.211   1.00 24.00 ? 3  DC  A "C1'" 1 
ATOM   50  N N1    . DC  A 1 3  ? -4.661  -7.334  8.718   1.00 20.00 ? 3  DC  A N1    1 
ATOM   51  C C2    . DC  A 1 3  ? -3.684  -6.468  9.275   1.00 20.00 ? 3  DC  A C2    1 
ATOM   52  O O2    . DC  A 1 3  ? -4.052  -5.579  10.077  1.00 20.00 ? 3  DC  A O2    1 
ATOM   53  N N3    . DC  A 1 3  ? -2.392  -6.631  8.919   1.00 20.00 ? 3  DC  A N3    1 
ATOM   54  C C4    . DC  A 1 3  ? -2.038  -7.574  8.053   1.00 20.00 ? 3  DC  A C4    1 
ATOM   55  N N4    . DC  A 1 3  ? -0.757  -7.711  7.703   1.00 20.00 ? 3  DC  A N4    1 
ATOM   56  C C5    . DC  A 1 3  ? -3.009  -8.459  7.491   1.00 20.00 ? 3  DC  A C5    1 
ATOM   57  C C6    . DC  A 1 3  ? -4.271  -8.289  7.831   1.00 20.00 ? 3  DC  A C6    1 
ATOM   58  P P     . DG  A 1 4  ? -9.501  -5.257  6.549   1.00 38.00 ? 4  DG  A P     1 
ATOM   59  O OP1   . DG  A 1 4  ? -10.976 -5.445  6.280   1.00 38.00 ? 4  DG  A OP1   1 
ATOM   60  O OP2   . DG  A 1 4  ? -8.623  -5.536  5.356   1.00 38.00 ? 4  DG  A OP2   1 
ATOM   61  O "O5'" . DG  A 1 4  ? -9.276  -3.773  6.942   1.00 30.00 ? 4  DG  A "O5'" 1 
ATOM   62  C "C5'" . DG  A 1 4  ? -9.458  -3.217  8.266   1.00 30.00 ? 4  DG  A "C5'" 1 
ATOM   63  C "C4'" . DG  A 1 4  ? -8.249  -2.342  8.475   1.00 30.00 ? 4  DG  A "C4'" 1 
ATOM   64  O "O4'" . DG  A 1 4  ? -7.056  -3.093  8.260   1.00 30.00 ? 4  DG  A "O4'" 1 
ATOM   65  C "C3'" . DG  A 1 4  ? -8.193  -1.152  7.472   1.00 30.00 ? 4  DG  A "C3'" 1 
ATOM   66  O "O3'" . DG  A 1 4  ? -8.346  0.061   8.143   1.00 30.00 ? 4  DG  A "O3'" 1 
ATOM   67  C "C2'" . DG  A 1 4  ? -6.948  -1.403  6.637   1.00 30.00 ? 4  DG  A "C2'" 1 
ATOM   68  C "C1'" . DG  A 1 4  ? -6.123  -2.165  7.628   1.00 30.00 ? 4  DG  A "C1'" 1 
ATOM   69  N N9    . DG  A 1 4  ? -5.021  -2.967  7.133   1.00 17.00 ? 4  DG  A N9    1 
ATOM   70  C C8    . DG  A 1 4  ? -4.984  -3.986  6.215   1.00 17.00 ? 4  DG  A C8    1 
ATOM   71  N N7    . DG  A 1 4  ? -3.783  -4.512  6.051   1.00 17.00 ? 4  DG  A N7    1 
ATOM   72  C C5    . DG  A 1 4  ? -2.988  -3.795  6.941   1.00 17.00 ? 4  DG  A C5    1 
ATOM   73  C C6    . DG  A 1 4  ? -1.605  -3.917  7.226   1.00 17.00 ? 4  DG  A C6    1 
ATOM   74  O O6    . DG  A 1 4  ? -0.784  -4.704  6.733   1.00 17.00 ? 4  DG  A O6    1 
ATOM   75  N N1    . DG  A 1 4  ? -1.194  -2.999  8.205   1.00 17.00 ? 4  DG  A N1    1 
ATOM   76  C C2    . DG  A 1 4  ? -2.031  -2.102  8.830   1.00 17.00 ? 4  DG  A C2    1 
ATOM   77  N N2    . DG  A 1 4  ? -1.471  -1.303  9.739   1.00 17.00 ? 4  DG  A N2    1 
ATOM   78  N N3    . DG  A 1 4  ? -3.326  -1.979  8.586   1.00 17.00 ? 4  DG  A N3    1 
ATOM   79  C C4    . DG  A 1 4  ? -3.729  -2.851  7.620   1.00 17.00 ? 4  DG  A C4    1 
ATOM   80  P P     . DA  A 1 5  ? -8.445  1.496   7.492   1.00 44.00 ? 5  DA  A P     1 
ATOM   81  O OP1   . DA  A 1 5  ? -9.595  2.272   8.106   1.00 44.00 ? 5  DA  A OP1   1 
ATOM   82  O OP2   . DA  A 1 5  ? -8.447  1.388   5.986   1.00 44.00 ? 5  DA  A OP2   1 
ATOM   83  O "O5'" . DA  A 1 5  ? -7.113  2.209   7.931   1.00 35.00 ? 5  DA  A "O5'" 1 
ATOM   84  C "C5'" . DA  A 1 5  ? -6.221  1.952   8.974   1.00 35.00 ? 5  DA  A "C5'" 1 
ATOM   85  C "C4'" . DA  A 1 5  ? -4.825  2.443   8.753   1.00 35.00 ? 5  DA  A "C4'" 1 
ATOM   86  O "O4'" . DA  A 1 5  ? -3.950  1.471   8.207   1.00 35.00 ? 5  DA  A "O4'" 1 
ATOM   87  C "C3'" . DA  A 1 5  ? -4.648  3.714   7.907   1.00 35.00 ? 5  DA  A "C3'" 1 
ATOM   88  O "O3'" . DA  A 1 5  ? -4.039  4.748   8.647   1.00 35.00 ? 5  DA  A "O3'" 1 
ATOM   89  C "C2'" . DA  A 1 5  ? -4.149  3.167   6.597   1.00 35.00 ? 5  DA  A "C2'" 1 
ATOM   90  C "C1'" . DA  A 1 5  ? -3.318  1.992   7.001   1.00 35.00 ? 5  DA  A "C1'" 1 
ATOM   91  N N9    . DA  A 1 5  ? -3.328  0.820   6.097   1.00 19.00 ? 5  DA  A N9    1 
ATOM   92  C C8    . DA  A 1 5  ? -4.372  0.204   5.454   1.00 19.00 ? 5  DA  A C8    1 
ATOM   93  N N7    . DA  A 1 5  ? -3.994  -0.837  4.761   1.00 19.00 ? 5  DA  A N7    1 
ATOM   94  C C5    . DA  A 1 5  ? -2.627  -0.948  4.999   1.00 19.00 ? 5  DA  A C5    1 
ATOM   95  C C6    . DA  A 1 5  ? -1.667  -1.864  4.564   1.00 19.00 ? 5  DA  A C6    1 
ATOM   96  N N6    . DA  A 1 5  ? -1.904  -2.913  3.773   1.00 19.00 ? 5  DA  A N6    1 
ATOM   97  N N1    . DA  A 1 5  ? -0.416  -1.672  5.008   1.00 19.00 ? 5  DA  A N1    1 
ATOM   98  C C2    . DA  A 1 5  ? -0.079  -0.650  5.792   1.00 19.00 ? 5  DA  A C2    1 
ATOM   99  N N3    . DA  A 1 5  ? -0.951  0.264   6.296   1.00 19.00 ? 5  DA  A N3    1 
ATOM   100 C C4    . DA  A 1 5  ? -2.203  0.061   5.841   1.00 19.00 ? 5  DA  A C4    1 
ATOM   101 P P     . DA  A 1 6  ? -3.422  6.040   7.902   1.00 42.00 ? 6  DA  A P     1 
ATOM   102 O OP1   . DA  A 1 6  ? -2.960  7.012   8.887   1.00 42.00 ? 6  DA  A OP1   1 
ATOM   103 O OP2   . DA  A 1 6  ? -4.378  6.430   6.796   1.00 42.00 ? 6  DA  A OP2   1 
ATOM   104 O "O5'" . DA  A 1 6  ? -2.164  5.275   7.197   1.00 30.00 ? 6  DA  A "O5'" 1 
ATOM   105 C "C5'" . DA  A 1 6  ? -1.148  4.743   8.083   1.00 30.00 ? 6  DA  A "C5'" 1 
ATOM   106 C "C4'" . DA  A 1 6  ? 0.207   4.876   7.486   1.00 30.00 ? 6  DA  A "C4'" 1 
ATOM   107 O "O4'" . DA  A 1 6  ? 0.402   3.812   6.534   1.00 30.00 ? 6  DA  A "O4'" 1 
ATOM   108 C "C3'" . DA  A 1 6  ? 0.579   6.161   6.713   1.00 30.00 ? 6  DA  A "C3'" 1 
ATOM   109 O "O3'" . DA  A 1 6  ? 1.928   6.479   6.995   1.00 30.00 ? 6  DA  A "O3'" 1 
ATOM   110 C "C2'" . DA  A 1 6  ? 0.170   5.809   5.298   1.00 30.00 ? 6  DA  A "C2'" 1 
ATOM   111 C "C1'" . DA  A 1 6  ? 0.467   4.353   5.206   1.00 30.00 ? 6  DA  A "C1'" 1 
ATOM   112 N N9    . DA  A 1 6  ? -0.431  3.483   4.415   1.00 12.00 ? 6  DA  A N9    1 
ATOM   113 C C8    . DA  A 1 6  ? -1.750  3.516   4.118   1.00 12.00 ? 6  DA  A C8    1 
ATOM   114 N N7    . DA  A 1 6  ? -2.137  2.533   3.334   1.00 12.00 ? 6  DA  A N7    1 
ATOM   115 C C5    . DA  A 1 6  ? -1.000  1.763   3.144   1.00 12.00 ? 6  DA  A C5    1 
ATOM   116 C C6    . DA  A 1 6  ? -0.728  0.595   2.414   1.00 12.00 ? 6  DA  A C6    1 
ATOM   117 N N6    . DA  A 1 6  ? -1.640  -0.102  1.724   1.00 12.00 ? 6  DA  A N6    1 
ATOM   118 N N1    . DA  A 1 6  ? 0.537   0.136   2.403   1.00 12.00 ? 6  DA  A N1    1 
ATOM   119 C C2    . DA  A 1 6  ? 1.481   0.780   3.066   1.00 12.00 ? 6  DA  A C2    1 
ATOM   120 N N3    . DA  A 1 6  ? 1.348   1.890   3.812   1.00 12.00 ? 6  DA  A N3    1 
ATOM   121 C C4    . DA  A 1 6  ? 0.074   2.336   3.804   1.00 12.00 ? 6  DA  A C4    1 
ATOM   122 P P     . DT  A 1 7  ? 2.764   7.577   6.158   1.00 36.00 ? 7  DT  A P     1 
ATOM   123 O OP1   . DT  A 1 7  ? 3.994   7.978   6.864   1.00 36.00 ? 7  DT  A OP1   1 
ATOM   124 O OP2   . DT  A 1 7  ? 1.835   8.671   5.771   1.00 36.00 ? 7  DT  A OP2   1 
ATOM   125 O "O5'" . DT  A 1 7  ? 3.121   6.634   4.895   1.00 30.00 ? 7  DT  A "O5'" 1 
ATOM   126 C "C5'" . DT  A 1 7  ? 4.033   5.536   5.157   1.00 30.00 ? 7  DT  A "C5'" 1 
ATOM   127 C "C4'" . DT  A 1 7  ? 4.610   5.014   3.873   1.00 30.00 ? 7  DT  A "C4'" 1 
ATOM   128 O "O4'" . DT  A 1 7  ? 3.619   4.247   3.205   1.00 30.00 ? 7  DT  A "O4'" 1 
ATOM   129 C "C3'" . DT  A 1 7  ? 5.159   5.994   2.857   1.00 30.00 ? 7  DT  A "C3'" 1 
ATOM   130 O "O3'" . DT  A 1 7  ? 6.511   5.651   2.571   1.00 30.00 ? 7  DT  A "O3'" 1 
ATOM   131 C "C2'" . DT  A 1 7  ? 4.285   5.869   1.661   1.00 30.00 ? 7  DT  A "C2'" 1 
ATOM   132 C "C1'" . DT  A 1 7  ? 3.700   4.469   1.811   1.00 30.00 ? 7  DT  A "C1'" 1 
ATOM   133 N N1    . DT  A 1 7  ? 2.342   4.214   1.314   1.00 22.00 ? 7  DT  A N1    1 
ATOM   134 C C2    . DT  A 1 7  ? 2.158   3.054   0.606   1.00 22.00 ? 7  DT  A C2    1 
ATOM   135 O O2    . DT  A 1 7  ? 2.975   2.185   0.302   1.00 22.00 ? 7  DT  A O2    1 
ATOM   136 N N3    . DT  A 1 7  ? 0.879   2.912   0.166   1.00 22.00 ? 7  DT  A N3    1 
ATOM   137 C C4    . DT  A 1 7  ? -0.233  3.698   0.335   1.00 22.00 ? 7  DT  A C4    1 
ATOM   138 O O4    . DT  A 1 7  ? -1.328  3.357   -0.139  1.00 22.00 ? 7  DT  A O4    1 
ATOM   139 C C5    . DT  A 1 7  ? 0.057   4.868   1.129   1.00 22.00 ? 7  DT  A C5    1 
ATOM   140 C C7    . DT  A 1 7  ? -1.027  5.848   1.444   1.00 22.00 ? 7  DT  A C7    1 
ATOM   141 C C6    . DT  A 1 7  ? 1.261   5.049   1.587   1.00 22.00 ? 7  DT  A C6    1 
ATOM   142 P P     . DT  A 1 8  ? 7.475   6.447   1.577   1.00 34.00 ? 8  DT  A P     1 
ATOM   143 O OP1   . DT  A 1 8  ? 8.859   6.374   2.114   1.00 34.00 ? 8  DT  A OP1   1 
ATOM   144 O OP2   . DT  A 1 8  ? 6.910   7.784   1.299   1.00 34.00 ? 8  DT  A OP2   1 
ATOM   145 O "O5'" . DT  A 1 8  ? 7.387   5.481   0.287   1.00 33.00 ? 8  DT  A "O5'" 1 
ATOM   146 C "C5'" . DT  A 1 8  ? 8.009   4.185   0.293   1.00 33.00 ? 8  DT  A "C5'" 1 
ATOM   147 C "C4'" . DT  A 1 8  ? 7.523   3.406   -0.906  1.00 33.00 ? 8  DT  A "C4'" 1 
ATOM   148 O "O4'" . DT  A 1 8  ? 6.110   3.450   -1.078  1.00 33.00 ? 8  DT  A "O4'" 1 
ATOM   149 C "C3'" . DT  A 1 8  ? 8.134   3.870   -2.233  1.00 33.00 ? 8  DT  A "C3'" 1 
ATOM   150 O "O3'" . DT  A 1 8  ? 8.929   2.767   -2.734  1.00 33.00 ? 8  DT  A "O3'" 1 
ATOM   151 C "C2'" . DT  A 1 8  ? 6.954   4.372   -3.050  1.00 33.00 ? 8  DT  A "C2'" 1 
ATOM   152 C "C1'" . DT  A 1 8  ? 5.767   3.604   -2.489  1.00 33.00 ? 8  DT  A "C1'" 1 
ATOM   153 N N1    . DT  A 1 8  ? 4.424   4.179   -2.562  1.00 19.00 ? 8  DT  A N1    1 
ATOM   154 C C2    . DT  A 1 8  ? 3.417   3.385   -3.129  1.00 19.00 ? 8  DT  A C2    1 
ATOM   155 O O2    . DT  A 1 8  ? 3.565   2.259   -3.610  1.00 19.00 ? 8  DT  A O2    1 
ATOM   156 N N3    . DT  A 1 8  ? 2.169   3.974   -3.121  1.00 19.00 ? 8  DT  A N3    1 
ATOM   157 C C4    . DT  A 1 8  ? 1.805   5.188   -2.604  1.00 19.00 ? 8  DT  A C4    1 
ATOM   158 O O4    . DT  A 1 8  ? 0.622   5.537   -2.672  1.00 19.00 ? 8  DT  A O4    1 
ATOM   159 C C5    . DT  A 1 8  ? 2.901   5.920   -2.000  1.00 19.00 ? 8  DT  A C5    1 
ATOM   160 C C7    . DT  A 1 8  ? 2.663   7.273   -1.412  1.00 19.00 ? 8  DT  A C7    1 
ATOM   161 C C6    . DT  A 1 8  ? 4.111   5.403   -2.010  1.00 19.00 ? 8  DT  A C6    1 
ATOM   162 P P     . DT  A 1 9  ? 9.872   2.879   -4.044  1.00 41.00 ? 9  DT  A P     1 
ATOM   163 O OP1   . DT  A 1 9  ? 10.847  1.766   -4.022  1.00 41.00 ? 9  DT  A OP1   1 
ATOM   164 O OP2   . DT  A 1 9  ? 10.432  4.253   -4.169  1.00 41.00 ? 9  DT  A OP2   1 
ATOM   165 O "O5'" . DT  A 1 9  ? 8.740   2.608   -5.137  1.00 35.00 ? 9  DT  A "O5'" 1 
ATOM   166 C "C5'" . DT  A 1 9  ? 8.182   1.286   -5.311  1.00 35.00 ? 9  DT  A "C5'" 1 
ATOM   167 C "C4'" . DT  A 1 9  ? 7.038   1.449   -6.284  1.00 35.00 ? 9  DT  A "C4'" 1 
ATOM   168 O "O4'" . DT  A 1 9  ? 6.064   2.330   -5.722  1.00 35.00 ? 9  DT  A "O4'" 1 
ATOM   169 C "C3'" . DT  A 1 9  ? 7.353   2.050   -7.662  1.00 35.00 ? 9  DT  A "C3'" 1 
ATOM   170 O "O3'" . DT  A 1 9  ? 7.786   1.004   -8.531  1.00 35.00 ? 9  DT  A "O3'" 1 
ATOM   171 C "C2'" . DT  A 1 9  ? 6.111   2.788   -8.044  1.00 35.00 ? 9  DT  A "C2'" 1 
ATOM   172 C "C1'" . DT  A 1 9  ? 5.248   2.855   -6.827  1.00 35.00 ? 9  DT  A "C1'" 1 
ATOM   173 N N1    . DT  A 1 9  ? 4.666   4.139   -6.430  1.00 24.00 ? 9  DT  A N1    1 
ATOM   174 C C2    . DT  A 1 9  ? 3.283   4.310   -6.556  1.00 24.00 ? 9  DT  A C2    1 
ATOM   175 O O2    . DT  A 1 9  ? 2.564   3.439   -6.993  1.00 24.00 ? 9  DT  A O2    1 
ATOM   176 N N3    . DT  A 1 9  ? 2.793   5.513   -6.127  1.00 24.00 ? 9  DT  A N3    1 
ATOM   177 C C4    . DT  A 1 9  ? 3.531   6.554   -5.594  1.00 24.00 ? 9  DT  A C4    1 
ATOM   178 O O4    . DT  A 1 9  ? 2.998   7.602   -5.231  1.00 24.00 ? 9  DT  A O4    1 
ATOM   179 C C5    . DT  A 1 9  ? 4.936   6.302   -5.488  1.00 24.00 ? 9  DT  A C5    1 
ATOM   180 C C7    . DT  A 1 9  ? 5.871   7.328   -4.909  1.00 24.00 ? 9  DT  A C7    1 
ATOM   181 C C6    . DT  A 1 9  ? 5.428   5.163   -5.913  1.00 24.00 ? 9  DT  A C6    1 
ATOM   182 P P     . DG  A 1 10 ? 8.820   1.236   -9.726  1.00 44.00 ? 10 DG  A P     1 
ATOM   183 O OP1   . DG  A 1 10 ? 9.750   0.062   -9.785  1.00 44.00 ? 10 DG  A OP1   1 
ATOM   184 O OP2   . DG  A 1 10 ? 9.496   2.555   -9.659  1.00 44.00 ? 10 DG  A OP2   1 
ATOM   185 O "O5'" . DG  A 1 10 ? 7.829   1.152   -10.981 1.00 35.00 ? 10 DG  A "O5'" 1 
ATOM   186 C "C5'" . DG  A 1 10 ? 6.799   0.212   -11.255 1.00 35.00 ? 10 DG  A "C5'" 1 
ATOM   187 C "C4'" . DG  A 1 10 ? 5.863   0.693   -12.368 1.00 35.00 ? 10 DG  A "C4'" 1 
ATOM   188 O "O4'" . DG  A 1 10 ? 4.878   1.576   -11.738 1.00 35.00 ? 10 DG  A "O4'" 1 
ATOM   189 C "C3'" . DG  A 1 10 ? 6.432   1.466   -13.550 1.00 35.00 ? 10 DG  A "C3'" 1 
ATOM   190 O "O3'" . DG  A 1 10 ? 5.738   1.444   -14.792 1.00 35.00 ? 10 DG  A "O3'" 1 
ATOM   191 C "C2'" . DG  A 1 10 ? 6.401   2.896   -13.008 1.00 35.00 ? 10 DG  A "C2'" 1 
ATOM   192 C "C1'" . DG  A 1 10 ? 5.078   2.878   -12.219 1.00 35.00 ? 10 DG  A "C1'" 1 
ATOM   193 N N9    . DG  A 1 10 ? 4.866   3.939   -11.247 1.00 21.00 ? 10 DG  A N9    1 
ATOM   194 C C8    . DG  A 1 10 ? 5.738   4.765   -10.553 1.00 21.00 ? 10 DG  A C8    1 
ATOM   195 N N7    . DG  A 1 10 ? 5.185   5.702   -9.874  1.00 21.00 ? 10 DG  A N7    1 
ATOM   196 C C5    . DG  A 1 10 ? 3.824   5.507   -10.095 1.00 21.00 ? 10 DG  A C5    1 
ATOM   197 C C6    . DG  A 1 10 ? 2.726   6.226   -9.568  1.00 21.00 ? 10 DG  A C6    1 
ATOM   198 O O6    . DG  A 1 10 ? 2.809   7.185   -8.773  1.00 21.00 ? 10 DG  A O6    1 
ATOM   199 N N1    . DG  A 1 10 ? 1.527   5.726   -10.040 1.00 21.00 ? 10 DG  A N1    1 
ATOM   200 C C2    . DG  A 1 10 ? 1.398   4.667   -10.894 1.00 21.00 ? 10 DG  A C2    1 
ATOM   201 N N2    . DG  A 1 10 ? 0.139   4.324   -11.250 1.00 21.00 ? 10 DG  A N2    1 
ATOM   202 N N3    . DG  A 1 10 ? 2.410   3.981   -11.371 1.00 21.00 ? 10 DG  A N3    1 
ATOM   203 C C4    . DG  A 1 10 ? 3.598   4.449   -10.935 1.00 21.00 ? 10 DG  A C4    1 
ATOM   204 P P     . DC  A 1 11 ? 5.566   0.169   -15.709 1.00 50.00 ? 11 DC  A P     1 
ATOM   205 O OP1   . DC  A 1 11 ? 5.994   -1.105  -15.076 1.00 50.00 ? 11 DC  A OP1   1 
ATOM   206 O OP2   . DC  A 1 11 ? 6.227   0.386   -17.040 1.00 50.00 ? 11 DC  A OP2   1 
ATOM   207 O "O5'" . DC  A 1 11 ? 3.995   0.193   -15.885 1.00 42.00 ? 11 DC  A "O5'" 1 
ATOM   208 C "C5'" . DC  A 1 11 ? 3.150   -0.281  -14.818 1.00 42.00 ? 11 DC  A "C5'" 1 
ATOM   209 C "C4'" . DC  A 1 11 ? 1.701   0.020   -15.064 1.00 42.00 ? 11 DC  A "C4'" 1 
ATOM   210 O "O4'" . DC  A 1 11 ? 1.440   1.306   -14.492 1.00 42.00 ? 11 DC  A "O4'" 1 
ATOM   211 C "C3'" . DC  A 1 11 ? 1.158   0.105   -16.504 1.00 42.00 ? 11 DC  A "C3'" 1 
ATOM   212 O "O3'" . DC  A 1 11 ? -0.154  -0.415  -16.615 1.00 42.00 ? 11 DC  A "O3'" 1 
ATOM   213 C "C2'" . DC  A 1 11 ? 1.462   1.539   -16.878 1.00 42.00 ? 11 DC  A "C2'" 1 
ATOM   214 C "C1'" . DC  A 1 11 ? 1.263   2.264   -15.570 1.00 42.00 ? 11 DC  A "C1'" 1 
ATOM   215 N N1    . DC  A 1 11 ? 2.091   3.409   -15.198 1.00 28.00 ? 11 DC  A N1    1 
ATOM   216 C C2    . DC  A 1 11 ? 1.421   4.508   -14.641 1.00 28.00 ? 11 DC  A C2    1 
ATOM   217 O O2    . DC  A 1 11 ? 0.180   4.475   -14.541 1.00 28.00 ? 11 DC  A O2    1 
ATOM   218 N N3    . DC  A 1 11 ? 2.146   5.579   -14.250 1.00 28.00 ? 11 DC  A N3    1 
ATOM   219 C C4    . DC  A 1 11 ? 3.466   5.571   -14.377 1.00 28.00 ? 11 DC  A C4    1 
ATOM   220 N N4    . DC  A 1 11 ? 4.156   6.653   -14.000 1.00 28.00 ? 11 DC  A N4    1 
ATOM   221 C C5    . DC  A 1 11 ? 4.166   4.460   -14.907 1.00 28.00 ? 11 DC  A C5    1 
ATOM   222 C C6    . DC  A 1 11 ? 3.451   3.407   -15.272 1.00 28.00 ? 11 DC  A C6    1 
ATOM   223 P P     . DG  A 1 12 ? -0.971  -0.292  -18.017 1.00 57.00 ? 12 DG  A P     1 
ATOM   224 O OP1   . DG  A 1 12 ? -2.182  -1.131  -17.942 1.00 57.00 ? 12 DG  A OP1   1 
ATOM   225 O OP2   . DG  A 1 12 ? -0.035  -0.477  -19.179 1.00 57.00 ? 12 DG  A OP2   1 
ATOM   226 O "O5'" . DG  A 1 12 ? -1.273  1.301   -17.976 1.00 40.00 ? 12 DG  A "O5'" 1 
ATOM   227 C "C5'" . DG  A 1 12 ? -2.212  1.920   -17.095 1.00 40.00 ? 12 DG  A "C5'" 1 
ATOM   228 C "C4'" . DG  A 1 12 ? -3.244  2.779   -17.789 1.00 40.00 ? 12 DG  A "C4'" 1 
ATOM   229 O "O4'" . DG  A 1 12 ? -2.870  4.148   -17.540 1.00 40.00 ? 12 DG  A "O4'" 1 
ATOM   230 C "C3'" . DG  A 1 12 ? -3.508  2.637   -19.284 1.00 40.00 ? 12 DG  A "C3'" 1 
ATOM   231 O "O3'" . DG  A 1 12 ? -4.906  2.553   -19.607 1.00 40.00 ? 12 DG  A "O3'" 1 
ATOM   232 C "C2'" . DG  A 1 12 ? -2.745  3.763   -19.915 1.00 40.00 ? 12 DG  A "C2'" 1 
ATOM   233 C "C1'" . DG  A 1 12 ? -2.428  4.719   -18.788 1.00 40.00 ? 12 DG  A "C1'" 1 
ATOM   234 N N9    . DG  A 1 12 ? -1.041  5.137   -18.558 1.00 21.00 ? 12 DG  A N9    1 
ATOM   235 C C8    . DG  A 1 12 ? 0.146   4.542   -18.879 1.00 21.00 ? 12 DG  A C8    1 
ATOM   236 N N7    . DG  A 1 12 ? 1.185   5.206   -18.537 1.00 21.00 ? 12 DG  A N7    1 
ATOM   237 C C5    . DG  A 1 12 ? 0.663   6.323   -17.875 1.00 21.00 ? 12 DG  A C5    1 
ATOM   238 C C6    . DG  A 1 12 ? 1.353   7.397   -17.281 1.00 21.00 ? 12 DG  A C6    1 
ATOM   239 O O6    . DG  A 1 12 ? 2.571   7.543   -17.242 1.00 21.00 ? 12 DG  A O6    1 
ATOM   240 N N1    . DG  A 1 12 ? 0.480   8.338   -16.756 1.00 21.00 ? 12 DG  A N1    1 
ATOM   241 C C2    . DG  A 1 12 ? -0.889  8.249   -16.798 1.00 21.00 ? 12 DG  A C2    1 
ATOM   242 N N2    . DG  A 1 12 ? -1.484  9.298   -16.215 1.00 21.00 ? 12 DG  A N2    1 
ATOM   243 N N3    . DG  A 1 12 ? -1.555  7.248   -17.363 1.00 21.00 ? 12 DG  A N3    1 
ATOM   244 C C4    . DG  A 1 12 ? -0.712  6.314   -17.880 1.00 21.00 ? 12 DG  A C4    1 
ATOM   245 O "O5'" . DC  B 1 1  ? 3.080   15.644  -13.558 1.00 48.00 ? 13 DC  B "O5'" 1 
ATOM   246 C "C5'" . DC  B 1 1  ? 2.168   16.711  -13.916 1.00 48.00 ? 13 DC  B "C5'" 1 
ATOM   247 C "C4'" . DC  B 1 1  ? 0.766   16.201  -13.722 1.00 48.00 ? 13 DC  B "C4'" 1 
ATOM   248 O "O4'" . DC  B 1 1  ? 0.562   15.016  -14.481 1.00 48.00 ? 13 DC  B "O4'" 1 
ATOM   249 C "C3'" . DC  B 1 1  ? 0.413   15.859  -12.261 1.00 48.00 ? 13 DC  B "C3'" 1 
ATOM   250 O "O3'" . DC  B 1 1  ? -0.877  16.385  -11.967 1.00 48.00 ? 13 DC  B "O3'" 1 
ATOM   251 C "C2'" . DC  B 1 1  ? 0.705   14.387  -12.186 1.00 48.00 ? 13 DC  B "C2'" 1 
ATOM   252 C "C1'" . DC  B 1 1  ? 0.394   13.882  -13.588 1.00 48.00 ? 13 DC  B "C1'" 1 
ATOM   253 N N1    . DC  B 1 1  ? 1.185   12.777  -14.145 1.00 42.00 ? 13 DC  B N1    1 
ATOM   254 C C2    . DC  B 1 1  ? 0.486   11.694  -14.721 1.00 42.00 ? 13 DC  B C2    1 
ATOM   255 O O2    . DC  B 1 1  ? -0.753  11.696  -14.707 1.00 42.00 ? 13 DC  B O2    1 
ATOM   256 N N3    . DC  B 1 1  ? 1.190   10.672  -15.268 1.00 42.00 ? 13 DC  B N3    1 
ATOM   257 C C4    . DC  B 1 1  ? 2.515   10.708  -15.258 1.00 42.00 ? 13 DC  B C4    1 
ATOM   258 N N4    . DC  B 1 1  ? 3.258   9.733   -15.775 1.00 42.00 ? 13 DC  B N4    1 
ATOM   259 C C5    . DC  B 1 1  ? 3.236   11.812  -14.695 1.00 42.00 ? 13 DC  B C5    1 
ATOM   260 C C6    . DC  B 1 1  ? 2.547   12.802  -14.197 1.00 42.00 ? 13 DC  B C6    1 
ATOM   261 P P     . DG  B 1 2  ? -1.890  15.757  -10.874 1.00 54.00 ? 14 DG  B P     1 
ATOM   262 O OP1   . DG  B 1 2  ? -3.056  16.611  -10.629 1.00 54.00 ? 14 DG  B OP1   1 
ATOM   263 O OP2   . DG  B 1 2  ? -1.025  15.338  -9.694  1.00 54.00 ? 14 DG  B OP2   1 
ATOM   264 O "O5'" . DG  B 1 2  ? -2.233  14.395  -11.644 1.00 38.00 ? 14 DG  B "O5'" 1 
ATOM   265 C "C5'" . DG  B 1 2  ? -3.395  14.299  -12.485 1.00 38.00 ? 14 DG  B "C5'" 1 
ATOM   266 C "C4'" . DG  B 1 2  ? -3.997  12.926  -12.268 1.00 38.00 ? 14 DG  B "C4'" 1 
ATOM   267 O "O4'" . DG  B 1 2  ? -2.971  12.003  -12.680 1.00 38.00 ? 14 DG  B "O4'" 1 
ATOM   268 C "C3'" . DG  B 1 2  ? -4.410  12.611  -10.842 1.00 38.00 ? 14 DG  B "C3'" 1 
ATOM   269 O "O3'" . DG  B 1 2  ? -5.733  12.142  -10.667 1.00 38.00 ? 14 DG  B "O3'" 1 
ATOM   270 C "C2'" . DG  B 1 2  ? -3.324  11.683  -10.384 1.00 38.00 ? 14 DG  B "C2'" 1 
ATOM   271 C "C1'" . DG  B 1 2  ? -2.874  11.010  -11.666 1.00 38.00 ? 14 DG  B "C1'" 1 
ATOM   272 N N9    . DG  B 1 2  ? -1.501  10.480  -11.681 1.00 27.00 ? 14 DG  B N9    1 
ATOM   273 C C8    . DG  B 1 2  ? -0.333  10.994  -11.153 1.00 27.00 ? 14 DG  B C8    1 
ATOM   274 N N7    . DG  B 1 2  ? 0.683   10.223  -11.353 1.00 27.00 ? 14 DG  B N7    1 
ATOM   275 C C5    . DG  B 1 2  ? 0.199   9.126   -12.059 1.00 27.00 ? 14 DG  B C5    1 
ATOM   276 C C6    . DG  B 1 2  ? 0.873   7.993   -12.551 1.00 27.00 ? 14 DG  B C6    1 
ATOM   277 O O6    . DG  B 1 2  ? 2.091   7.754   -12.449 1.00 27.00 ? 14 DG  B O6    1 
ATOM   278 N N1    . DG  B 1 2  ? 0.006   7.121   -13.198 1.00 27.00 ? 14 DG  B N1    1 
ATOM   279 C C2    . DG  B 1 2  ? -1.326  7.340   -13.375 1.00 27.00 ? 14 DG  B C2    1 
ATOM   280 N N2    . DG  B 1 2  ? -1.999  6.381   -14.045 1.00 27.00 ? 14 DG  B N2    1 
ATOM   281 N N3    . DG  B 1 2  ? -1.970  8.398   -12.937 1.00 27.00 ? 14 DG  B N3    1 
ATOM   282 C C4    . DG  B 1 2  ? -1.150  9.261   -12.282 1.00 27.00 ? 14 DG  B C4    1 
ATOM   283 P P     . DC  B 1 3  ? -6.362  11.722  -9.267  1.00 45.00 ? 15 DC  B P     1 
ATOM   284 O OP1   . DC  B 1 3  ? -7.802  12.104  -9.168  1.00 45.00 ? 15 DC  B OP1   1 
ATOM   285 O OP2   . DC  B 1 3  ? -5.466  12.112  -8.146  1.00 45.00 ? 15 DC  B OP2   1 
ATOM   286 O "O5'" . DC  B 1 3  ? -6.348  10.133  -9.336  1.00 41.00 ? 15 DC  B "O5'" 1 
ATOM   287 C "C5'" . DC  B 1 3  ? -7.122  9.500   -10.413 1.00 41.00 ? 15 DC  B "C5'" 1 
ATOM   288 C "C4'" . DC  B 1 3  ? -6.465  8.168   -10.648 1.00 41.00 ? 15 DC  B "C4'" 1 
ATOM   289 O "O4'" . DC  B 1 3  ? -5.070  8.345   -10.859 1.00 41.00 ? 15 DC  B "O4'" 1 
ATOM   290 C "C3'" . DC  B 1 3  ? -6.539  7.200   -9.469  1.00 41.00 ? 15 DC  B "C3'" 1 
ATOM   291 O "O3'" . DC  B 1 3  ? -7.840  6.636   -9.467  1.00 41.00 ? 15 DC  B "O3'" 1 
ATOM   292 C "C2'" . DC  B 1 3  ? -5.341  6.305   -9.621  1.00 41.00 ? 15 DC  B "C2'" 1 
ATOM   293 C "C1'" . DC  B 1 3  ? -4.359  7.215   -10.295 1.00 41.00 ? 15 DC  B "C1'" 1 
ATOM   294 N N1    . DC  B 1 3  ? -3.129  7.609   -9.631  1.00 26.00 ? 15 DC  B N1    1 
ATOM   295 C C2    . DC  B 1 3  ? -2.037  6.733   -9.813  1.00 26.00 ? 15 DC  B C2    1 
ATOM   296 O O2    . DC  B 1 3  ? -2.212  5.698   -10.466 1.00 26.00 ? 15 DC  B O2    1 
ATOM   297 N N3    . DC  B 1 3  ? -0.846  7.051   -9.270  1.00 26.00 ? 15 DC  B N3    1 
ATOM   298 C C4    . DC  B 1 3  ? -0.707  8.184   -8.593  1.00 26.00 ? 15 DC  B C4    1 
ATOM   299 N N4    . DC  B 1 3  ? 0.490   8.463   -8.054  1.00 26.00 ? 15 DC  B N4    1 
ATOM   300 C C5    . DC  B 1 3  ? -1.777  9.110   -8.423  1.00 26.00 ? 15 DC  B C5    1 
ATOM   301 C C6    . DC  B 1 3  ? -2.943  8.778   -8.934  1.00 26.00 ? 15 DC  B C6    1 
ATOM   302 P P     . DG  B 1 4  ? -8.253  5.667   -8.247  1.00 37.00 ? 16 DG  B P     1 
ATOM   303 O OP1   . DG  B 1 4  ? -9.693  5.306   -8.390  1.00 37.00 ? 16 DG  B OP1   1 
ATOM   304 O OP2   . DG  B 1 4  ? -7.837  6.287   -6.967  1.00 37.00 ? 16 DG  B OP2   1 
ATOM   305 O "O5'" . DG  B 1 4  ? -7.369  4.371   -8.590  1.00 28.00 ? 16 DG  B "O5'" 1 
ATOM   306 C "C5'" . DG  B 1 4  ? -7.662  3.640   -9.795  1.00 28.00 ? 16 DG  B "C5'" 1 
ATOM   307 C "C4'" . DG  B 1 4  ? -6.771  2.427   -9.841  1.00 28.00 ? 16 DG  B "C4'" 1 
ATOM   308 O "O4'" . DG  B 1 4  ? -5.408  2.879   -9.705  1.00 28.00 ? 16 DG  B "O4'" 1 
ATOM   309 C "C3'" . DG  B 1 4  ? -7.010  1.393   -8.734  1.00 28.00 ? 16 DG  B "C3'" 1 
ATOM   310 O "O3'" . DG  B 1 4  ? -6.879  0.060   -9.201  1.00 28.00 ? 16 DG  B "O3'" 1 
ATOM   311 C "C2'" . DG  B 1 4  ? -6.041  1.879   -7.648  1.00 28.00 ? 16 DG  B "C2'" 1 
ATOM   312 C "C1'" . DG  B 1 4  ? -4.884  2.389   -8.462  1.00 28.00 ? 16 DG  B "C1'" 1 
ATOM   313 N N9    . DG  B 1 4  ? -3.970  3.345   -7.823  1.00 21.00 ? 16 DG  B N9    1 
ATOM   314 C C8    . DG  B 1 4  ? -4.168  4.468   -7.058  1.00 21.00 ? 16 DG  B C8    1 
ATOM   315 N N7    . DG  B 1 4  ? -3.059  5.060   -6.677  1.00 21.00 ? 16 DG  B N7    1 
ATOM   316 C C5    . DG  B 1 4  ? -2.057  4.283   -7.214  1.00 21.00 ? 16 DG  B C5    1 
ATOM   317 C C6    . DG  B 1 4  ? -0.660  4.419   -7.144  1.00 21.00 ? 16 DG  B C6    1 
ATOM   318 O O6    . DG  B 1 4  ? 0.052   5.274   -6.576  1.00 21.00 ? 16 DG  B O6    1 
ATOM   319 N N1    . DG  B 1 4  ? -0.026  3.400   -7.846  1.00 21.00 ? 16 DG  B N1    1 
ATOM   320 C C2    . DG  B 1 4  ? -0.626  2.390   -8.537  1.00 21.00 ? 16 DG  B C2    1 
ATOM   321 N N2    . DG  B 1 4  ? 0.184   1.506   -9.133  1.00 21.00 ? 16 DG  B N2    1 
ATOM   322 N N3    . DG  B 1 4  ? -1.926  2.249   -8.602  1.00 21.00 ? 16 DG  B N3    1 
ATOM   323 C C4    . DG  B 1 4  ? -2.582  3.232   -7.919  1.00 21.00 ? 16 DG  B C4    1 
ATOM   324 P P     . DA  B 1 5  ? -6.415  -1.256  -8.386  1.00 35.00 ? 17 DA  B P     1 
ATOM   325 O OP1   . DA  B 1 5  ? -6.771  -2.504  -9.091  1.00 35.00 ? 17 DA  B OP1   1 
ATOM   326 O OP2   . DA  B 1 5  ? -6.939  -1.049  -7.001  1.00 35.00 ? 17 DA  B OP2   1 
ATOM   327 O "O5'" . DA  B 1 5  ? -4.830  -1.046  -8.341  1.00 29.00 ? 17 DA  B "O5'" 1 
ATOM   328 C "C5'" . DA  B 1 5  ? -4.087  -1.388  -9.549  1.00 29.00 ? 17 DA  B "C5'" 1 
ATOM   329 C "C4'" . DA  B 1 5  ? -2.823  -2.045  -9.130  1.00 29.00 ? 17 DA  B "C4'" 1 
ATOM   330 O "O4'" . DA  B 1 5  ? -1.999  -1.116  -8.417  1.00 29.00 ? 17 DA  B "O4'" 1 
ATOM   331 C "C3'" . DA  B 1 5  ? -2.951  -3.297  -8.233  1.00 29.00 ? 17 DA  B "C3'" 1 
ATOM   332 O "O3'" . DA  B 1 5  ? -2.112  -4.285  -8.802  1.00 29.00 ? 17 DA  B "O3'" 1 
ATOM   333 C "C2'" . DA  B 1 5  ? -2.743  -2.729  -6.862  1.00 29.00 ? 17 DA  B "C2'" 1 
ATOM   334 C "C1'" . DA  B 1 5  ? -1.818  -1.543  -7.046  1.00 29.00 ? 17 DA  B "C1'" 1 
ATOM   335 N N9    . DA  B 1 5  ? -2.004  -0.360  -6.182  1.00 16.00 ? 17 DA  B N9    1 
ATOM   336 C C8    . DA  B 1 5  ? -3.150  0.215   -5.671  1.00 16.00 ? 17 DA  B C8    1 
ATOM   337 N N7    . DA  B 1 5  ? -2.934  1.275   -4.920  1.00 16.00 ? 17 DA  B N7    1 
ATOM   338 C C5    . DA  B 1 5  ? -1.552  1.421   -4.937  1.00 16.00 ? 17 DA  B C5    1 
ATOM   339 C C6    . DA  B 1 5  ? -0.698  2.354   -4.336  1.00 16.00 ? 17 DA  B C6    1 
ATOM   340 N N6    . DA  B 1 5  ? -1.104  3.379   -3.573  1.00 16.00 ? 17 DA  B N6    1 
ATOM   341 N N1    . DA  B 1 5  ? 0.631   2.209   -4.581  1.00 16.00 ? 17 DA  B N1    1 
ATOM   342 C C2    . DA  B 1 5  ? 1.100   1.221   -5.336  1.00 16.00 ? 17 DA  B C2    1 
ATOM   343 N N3    . DA  B 1 5  ? 0.351   0.283   -5.956  1.00 16.00 ? 17 DA  B N3    1 
ATOM   344 C C4    . DA  B 1 5  ? -0.962  0.434   -5.721  1.00 16.00 ? 17 DA  B C4    1 
ATOM   345 P P     . DA  B 1 6  ? -1.437  -5.551  -8.100  1.00 37.00 ? 18 DA  B P     1 
ATOM   346 O OP1   . DA  B 1 6  ? -0.596  -6.287  -9.068  1.00 37.00 ? 18 DA  B OP1   1 
ATOM   347 O OP2   . DA  B 1 6  ? -2.480  -6.326  -7.358  1.00 37.00 ? 18 DA  B OP2   1 
ATOM   348 O "O5'" . DA  B 1 6  ? -0.560  -4.752  -7.043  1.00 31.00 ? 18 DA  B "O5'" 1 
ATOM   349 C "C5'" . DA  B 1 6  ? 0.591   -4.033  -7.552  1.00 31.00 ? 18 DA  B "C5'" 1 
ATOM   350 C "C4'" . DA  B 1 6  ? 1.635   -3.903  -6.498  1.00 31.00 ? 18 DA  B "C4'" 1 
ATOM   351 O "O4'" . DA  B 1 6  ? 1.293   -2.798  -5.641  1.00 31.00 ? 18 DA  B "O4'" 1 
ATOM   352 C "C3'" . DA  B 1 6  ? 1.934   -5.108  -5.590  1.00 31.00 ? 18 DA  B "C3'" 1 
ATOM   353 O "O3'" . DA  B 1 6  ? 3.324   -5.282  -5.572  1.00 31.00 ? 18 DA  B "O3'" 1 
ATOM   354 C "C2'" . DA  B 1 6  ? 1.261   -4.752  -4.298  1.00 31.00 ? 18 DA  B "C2'" 1 
ATOM   355 C "C1'" . DA  B 1 6  ? 1.356   -3.245  -4.257  1.00 31.00 ? 18 DA  B "C1'" 1 
ATOM   356 N N9    . DA  B 1 6  ? 0.261   -2.465  -3.651  1.00 14.00 ? 18 DA  B N9    1 
ATOM   357 C C8    . DA  B 1 6  ? -1.087  -2.670  -3.731  1.00 14.00 ? 18 DA  B C8    1 
ATOM   358 N N7    . DA  B 1 6  ? -1.801  -1.771  -3.083  1.00 14.00 ? 18 DA  B N7    1 
ATOM   359 C C5    . DA  B 1 6  ? -0.840  -0.893  -2.585  1.00 14.00 ? 18 DA  B C5    1 
ATOM   360 C C6    . DA  B 1 6  ? -0.958  0.264   -1.811  1.00 14.00 ? 18 DA  B C6    1 
ATOM   361 N N6    . DA  B 1 6  ? -2.117  0.808   -1.407  1.00 14.00 ? 18 DA  B N6    1 
ATOM   362 N N1    . DA  B 1 6  ? 0.188   0.857   -1.495  1.00 14.00 ? 18 DA  B N1    1 
ATOM   363 C C2    . DA  B 1 6  ? 1.394   0.426   -1.859  1.00 14.00 ? 18 DA  B C2    1 
ATOM   364 N N3    . DA  B 1 6  ? 1.585   -0.687  -2.621  1.00 14.00 ? 18 DA  B N3    1 
ATOM   365 C C4    . DA  B 1 6  ? 0.430   -1.304  -2.930  1.00 14.00 ? 18 DA  B C4    1 
ATOM   366 P P     . DT  B 1 7  ? 4.080   -6.481  -4.866  1.00 43.00 ? 19 DT  B P     1 
ATOM   367 O OP1   . DT  B 1 7  ? 5.238   -6.819  -5.774  1.00 43.00 ? 19 DT  B OP1   1 
ATOM   368 O OP2   . DT  B 1 7  ? 3.137   -7.579  -4.508  1.00 43.00 ? 19 DT  B OP2   1 
ATOM   369 O "O5'" . DT  B 1 7  ? 4.641   -5.774  -3.558  1.00 34.00 ? 19 DT  B "O5'" 1 
ATOM   370 C "C5'" . DT  B 1 7  ? 5.536   -4.647  -3.591  1.00 34.00 ? 19 DT  B "C5'" 1 
ATOM   371 C "C4'" . DT  B 1 7  ? 5.370   -3.941  -2.263  1.00 34.00 ? 19 DT  B "C4'" 1 
ATOM   372 O "O4'" . DT  B 1 7  ? 4.025   -3.547  -2.018  1.00 34.00 ? 19 DT  B "O4'" 1 
ATOM   373 C "C3'" . DT  B 1 7  ? 5.750   -4.775  -1.019  1.00 34.00 ? 19 DT  B "C3'" 1 
ATOM   374 O "O3'" . DT  B 1 7  ? 7.155   -4.556  -0.871  1.00 34.00 ? 19 DT  B "O3'" 1 
ATOM   375 C "C2'" . DT  B 1 7  ? 4.749   -4.386  0.031   1.00 34.00 ? 19 DT  B "C2'" 1 
ATOM   376 C "C1'" . DT  B 1 7  ? 3.878   -3.313  -0.562  1.00 34.00 ? 19 DT  B "C1'" 1 
ATOM   377 N N1    . DT  B 1 7  ? 2.459   -3.223  -0.216  1.00 25.00 ? 19 DT  B N1    1 
ATOM   378 C C2    . DT  B 1 7  ? 2.045   -2.169  0.594   1.00 25.00 ? 19 DT  B C2    1 
ATOM   379 O O2    . DT  B 1 7  ? 2.762   -1.289  1.067   1.00 25.00 ? 19 DT  B O2    1 
ATOM   380 N N3    . DT  B 1 7  ? 0.697   -2.136  0.849   1.00 25.00 ? 19 DT  B N3    1 
ATOM   381 C C4    . DT  B 1 7  ? -0.265  -2.996  0.411   1.00 25.00 ? 19 DT  B C4    1 
ATOM   382 O O4    . DT  B 1 7  ? -1.437  -2.811  0.748   1.00 25.00 ? 19 DT  B O4    1 
ATOM   383 C C5    . DT  B 1 7  ? 0.229   -4.053  -0.415  1.00 25.00 ? 19 DT  B C5    1 
ATOM   384 C C7    . DT  B 1 7  ? -0.731  -5.070  -0.966  1.00 25.00 ? 19 DT  B C7    1 
ATOM   385 C C6    . DT  B 1 7  ? 1.511   -4.128  -0.658  1.00 25.00 ? 19 DT  B C6    1 
ATOM   386 P P     . DT  B 1 8  ? 7.988   -5.103  0.380   1.00 41.00 ? 20 DT  B P     1 
ATOM   387 O OP1   . DT  B 1 8  ? 9.421   -4.741  0.298   1.00 41.00 ? 20 DT  B OP1   1 
ATOM   388 O OP2   . DT  B 1 8  ? 7.689   -6.559  0.509   1.00 41.00 ? 20 DT  B OP2   1 
ATOM   389 O "O5'" . DT  B 1 8  ? 7.291   -4.228  1.590   1.00 31.00 ? 20 DT  B "O5'" 1 
ATOM   390 C "C5'" . DT  B 1 8  ? 7.491   -2.794  1.481   1.00 31.00 ? 20 DT  B "C5'" 1 
ATOM   391 C "C4'" . DT  B 1 8  ? 7.252   -2.082  2.750   1.00 31.00 ? 20 DT  B "C4'" 1 
ATOM   392 O "O4'" . DT  B 1 8  ? 5.847   -1.877  2.951   1.00 31.00 ? 20 DT  B "O4'" 1 
ATOM   393 C "C3'" . DT  B 1 8  ? 7.734   -2.661  4.066   1.00 31.00 ? 20 DT  B "C3'" 1 
ATOM   394 O "O3'" . DT  B 1 8  ? 8.286   -1.553  4.802   1.00 31.00 ? 20 DT  B "O3'" 1 
ATOM   395 C "C2'" . DT  B 1 8  ? 6.516   -3.286  4.692   1.00 31.00 ? 20 DT  B "C2'" 1 
ATOM   396 C "C1'" . DT  B 1 8  ? 5.352   -2.451  4.154   1.00 31.00 ? 20 DT  B "C1'" 1 
ATOM   397 N N1    . DT  B 1 8  ? 4.059   -3.064  3.834   1.00 16.00 ? 20 DT  B N1    1 
ATOM   398 C C2    . DT  B 1 8  ? 2.923   -2.340  4.175   1.00 16.00 ? 20 DT  B C2    1 
ATOM   399 O O2    . DT  B 1 8  ? 2.876   -1.267  4.739   1.00 16.00 ? 20 DT  B O2    1 
ATOM   400 N N3    . DT  B 1 8  ? 1.740   -2.962  3.848   1.00 16.00 ? 20 DT  B N3    1 
ATOM   401 C C4    . DT  B 1 8  ? 1.556   -4.183  3.253   1.00 16.00 ? 20 DT  B C4    1 
ATOM   402 O O4    . DT  B 1 8  ? 0.405   -4.589  3.070   1.00 16.00 ? 20 DT  B O4    1 
ATOM   403 C C5    . DT  B 1 8  ? 2.774   -4.852  2.898   1.00 16.00 ? 20 DT  B C5    1 
ATOM   404 C C7    . DT  B 1 8  ? 2.697   -6.163  2.204   1.00 16.00 ? 20 DT  B C7    1 
ATOM   405 C C6    . DT  B 1 8  ? 3.922   -4.288  3.187   1.00 16.00 ? 20 DT  B C6    1 
ATOM   406 P P     . DT  B 1 9  ? 8.982   -1.749  6.236   1.00 44.00 ? 21 DT  B P     1 
ATOM   407 O OP1   . DT  B 1 9  ? 9.860   -0.581  6.495   1.00 44.00 ? 21 DT  B OP1   1 
ATOM   408 O OP2   . DT  B 1 9  ? 9.608   -3.091  6.324   1.00 44.00 ? 21 DT  B OP2   1 
ATOM   409 O "O5'" . DT  B 1 9  ? 7.710   -1.689  7.200   1.00 35.00 ? 21 DT  B "O5'" 1 
ATOM   410 C "C5'" . DT  B 1 9  ? 7.004   -0.393  7.285   1.00 35.00 ? 21 DT  B "C5'" 1 
ATOM   411 C "C4'" . DT  B 1 9  ? 5.759   -0.600  8.121   1.00 35.00 ? 21 DT  B "C4'" 1 
ATOM   412 O "O4'" . DT  B 1 9  ? 4.904   -1.510  7.424   1.00 35.00 ? 21 DT  B "O4'" 1 
ATOM   413 C "C3'" . DT  B 1 9  ? 6.002   -1.185  9.500   1.00 35.00 ? 21 DT  B "C3'" 1 
ATOM   414 O "O3'" . DT  B 1 9  ? 6.388   -0.305  10.535  1.00 35.00 ? 21 DT  B "O3'" 1 
ATOM   415 C "C2'" . DT  B 1 9  ? 5.147   -2.398  9.620   1.00 35.00 ? 21 DT  B "C2'" 1 
ATOM   416 C "C1'" . DT  B 1 9  ? 4.211   -2.296  8.443   1.00 35.00 ? 21 DT  B "C1'" 1 
ATOM   417 N N1    . DT  B 1 9  ? 3.750   -3.489  7.751   1.00 23.00 ? 21 DT  B N1    1 
ATOM   418 C C2    . DT  B 1 9  ? 2.373   -3.630  7.626   1.00 23.00 ? 21 DT  B C2    1 
ATOM   419 O O2    . DT  B 1 9  ? 1.563   -2.853  8.082   1.00 23.00 ? 21 DT  B O2    1 
ATOM   420 N N3    . DT  B 1 9  ? 1.956   -4.749  6.939   1.00 23.00 ? 21 DT  B N3    1 
ATOM   421 C C4    . DT  B 1 9  ? 2.749   -5.709  6.361   1.00 23.00 ? 21 DT  B C4    1 
ATOM   422 O O4    . DT  B 1 9  ? 2.239   -6.652  5.790   1.00 23.00 ? 21 DT  B O4    1 
ATOM   423 C C5    . DT  B 1 9  ? 4.163   -5.488  6.532   1.00 23.00 ? 21 DT  B C5    1 
ATOM   424 C C7    . DT  B 1 9  ? 5.160   -6.451  5.949   1.00 23.00 ? 21 DT  B C7    1 
ATOM   425 C C6    . DT  B 1 9  ? 4.603   -4.424  7.199   1.00 23.00 ? 21 DT  B C6    1 
ATOM   426 P P     . DG  B 1 10 ? 7.031   -0.935  11.905  1.00 43.00 ? 22 DG  B P     1 
ATOM   427 O OP1   . DG  B 1 10 ? 7.773   0.126   12.608  1.00 43.00 ? 22 DG  B OP1   1 
ATOM   428 O OP2   . DG  B 1 10 ? 7.783   -2.204  11.641  1.00 43.00 ? 22 DG  B OP2   1 
ATOM   429 O "O5'" . DG  B 1 10 ? 5.638   -1.253  12.638  1.00 39.00 ? 22 DG  B "O5'" 1 
ATOM   430 C "C5'" . DG  B 1 10 ? 4.583   -0.309  12.890  1.00 39.00 ? 22 DG  B "C5'" 1 
ATOM   431 C "C4'" . DG  B 1 10 ? 3.449   -0.958  13.653  1.00 39.00 ? 22 DG  B "C4'" 1 
ATOM   432 O "O4'" . DG  B 1 10 ? 2.783   -1.888  12.760  1.00 39.00 ? 22 DG  B "O4'" 1 
ATOM   433 C "C3'" . DG  B 1 10 ? 3.803   -1.753  14.919  1.00 39.00 ? 22 DG  B "C3'" 1 
ATOM   434 O "O3'" . DG  B 1 10 ? 2.772   -1.751  15.901  1.00 39.00 ? 22 DG  B "O3'" 1 
ATOM   435 C "C2'" . DG  B 1 10 ? 3.965   -3.159  14.374  1.00 39.00 ? 22 DG  B "C2'" 1 
ATOM   436 C "C1'" . DG  B 1 10 ? 2.839   -3.194  13.328  1.00 39.00 ? 22 DG  B "C1'" 1 
ATOM   437 N N9    . DG  B 1 10 ? 2.870   -4.240  12.305  1.00 29.00 ? 22 DG  B N9    1 
ATOM   438 C C8    . DG  B 1 10 ? 3.919   -4.992  11.785  1.00 29.00 ? 22 DG  B C8    1 
ATOM   439 N N7    . DG  B 1 10 ? 3.568   -5.865  10.919  1.00 29.00 ? 22 DG  B N7    1 
ATOM   440 C C5    . DG  B 1 10 ? 2.187   -5.698  10.811  1.00 29.00 ? 22 DG  B C5    1 
ATOM   441 C C6    . DG  B 1 10 ? 1.262   -6.397  9.991   1.00 29.00 ? 22 DG  B C6    1 
ATOM   442 O O6    . DG  B 1 10 ? 1.536   -7.319  9.193   1.00 29.00 ? 22 DG  B O6    1 
ATOM   443 N N1    . DG  B 1 10 ? -0.024  -5.930  10.180  1.00 29.00 ? 22 DG  B N1    1 
ATOM   444 C C2    . DG  B 1 10 ? -0.380  -4.929  11.034  1.00 29.00 ? 22 DG  B C2    1 
ATOM   445 N N2    . DG  B 1 10 ? -1.684  -4.615  11.091  1.00 29.00 ? 22 DG  B N2    1 
ATOM   446 N N3    . DG  B 1 10 ? 0.471   -4.262  11.814  1.00 29.00 ? 22 DG  B N3    1 
ATOM   447 C C4    . DG  B 1 10 ? 1.740   -4.706  11.649  1.00 29.00 ? 22 DG  B C4    1 
ATOM   448 P P     . DC  B 1 11 ? 2.930   -1.082  17.337  1.00 47.00 ? 23 DC  B P     1 
ATOM   449 O OP1   . DC  B 1 11 ? 3.116   0.378   17.207  1.00 47.00 ? 23 DC  B OP1   1 
ATOM   450 O OP2   . DC  B 1 11 ? 3.994   -1.796  18.087  1.00 47.00 ? 23 DC  B OP2   1 
ATOM   451 O "O5'" . DC  B 1 11 ? 1.456   -1.408  17.911  1.00 34.00 ? 23 DC  B "O5'" 1 
ATOM   452 C "C5'" . DC  B 1 11 ? 0.370   -0.678  17.321  1.00 34.00 ? 23 DC  B "C5'" 1 
ATOM   453 C "C4'" . DC  B 1 11 ? -0.846  -1.466  17.048  1.00 34.00 ? 23 DC  B "C4'" 1 
ATOM   454 O "O4'" . DC  B 1 11 ? -0.781  -2.161  15.826  1.00 34.00 ? 23 DC  B "O4'" 1 
ATOM   455 C "C3'" . DC  B 1 11 ? -1.365  -2.437  18.082  1.00 34.00 ? 23 DC  B "C3'" 1 
ATOM   456 O "O3'" . DC  B 1 11 ? -2.310  -1.708  18.924  1.00 34.00 ? 23 DC  B "O3'" 1 
ATOM   457 C "C2'" . DC  B 1 11 ? -2.081  -3.489  17.294  1.00 34.00 ? 23 DC  B "C2'" 1 
ATOM   458 C "C1'" . DC  B 1 11 ? -1.442  -3.439  15.978  1.00 34.00 ? 23 DC  B "C1'" 1 
ATOM   459 N N1    . DC  B 1 11 ? -0.569  -4.528  15.548  1.00 14.00 ? 23 DC  B N1    1 
ATOM   460 C C2    . DC  B 1 11 ? -1.214  -5.486  14.730  1.00 14.00 ? 23 DC  B C2    1 
ATOM   461 O O2    . DC  B 1 11 ? -2.453  -5.359  14.520  1.00 14.00 ? 23 DC  B O2    1 
ATOM   462 N N3    . DC  B 1 11 ? -0.479  -6.499  14.229  1.00 14.00 ? 23 DC  B N3    1 
ATOM   463 C C4    . DC  B 1 11 ? 0.802   -6.591  14.486  1.00 14.00 ? 23 DC  B C4    1 
ATOM   464 N N4    . DC  B 1 11 ? 1.516   -7.622  13.993  1.00 14.00 ? 23 DC  B N4    1 
ATOM   465 C C5    . DC  B 1 11 ? 1.460   -5.612  15.297  1.00 14.00 ? 23 DC  B C5    1 
ATOM   466 C C6    . DC  B 1 11 ? 0.749   -4.626  15.785  1.00 14.00 ? 23 DC  B C6    1 
ATOM   467 P P     . DG  B 1 12 ? -2.640  -2.326  20.380  1.00 48.00 ? 24 DG  B P     1 
ATOM   468 O OP1   . DG  B 1 12 ? -3.294  -1.243  21.160  1.00 48.00 ? 24 DG  B OP1   1 
ATOM   469 O OP2   . DG  B 1 12 ? -1.453  -2.983  21.012  1.00 48.00 ? 24 DG  B OP2   1 
ATOM   470 O "O5'" . DG  B 1 12 ? -3.694  -3.467  19.972  1.00 39.00 ? 24 DG  B "O5'" 1 
ATOM   471 C "C5'" . DG  B 1 12 ? -4.961  -3.111  19.359  1.00 39.00 ? 24 DG  B "C5'" 1 
ATOM   472 C "C4'" . DG  B 1 12 ? -5.643  -4.393  18.926  1.00 39.00 ? 24 DG  B "C4'" 1 
ATOM   473 O "O4'" . DG  B 1 12 ? -4.852  -4.937  17.858  1.00 39.00 ? 24 DG  B "O4'" 1 
ATOM   474 C "C3'" . DG  B 1 12 ? -5.808  -5.495  19.978  1.00 39.00 ? 24 DG  B "C3'" 1 
ATOM   475 O "O3'" . DG  B 1 12 ? -7.076  -5.461  20.656  1.00 39.00 ? 24 DG  B "O3'" 1 
ATOM   476 C "C2'" . DG  B 1 12 ? -5.524  -6.767  19.240  1.00 39.00 ? 24 DG  B "C2'" 1 
ATOM   477 C "C1'" . DG  B 1 12 ? -4.896  -6.373  17.923  1.00 39.00 ? 24 DG  B "C1'" 1 
ATOM   478 N N9    . DG  B 1 12 ? -3.539  -6.926  17.750  1.00 29.00 ? 24 DG  B N9    1 
ATOM   479 C C8    . DG  B 1 12 ? -2.355  -6.515  18.311  1.00 29.00 ? 24 DG  B C8    1 
ATOM   480 N N7    . DG  B 1 12 ? -1.326  -7.224  17.925  1.00 29.00 ? 24 DG  B N7    1 
ATOM   481 C C5    . DG  B 1 12 ? -1.871  -8.187  17.080  1.00 29.00 ? 24 DG  B C5    1 
ATOM   482 C C6    . DG  B 1 12 ? -1.240  -9.238  16.369  1.00 29.00 ? 24 DG  B C6    1 
ATOM   483 O O6    . DG  B 1 12 ? -0.042  -9.554  16.352  1.00 29.00 ? 24 DG  B O6    1 
ATOM   484 N N1    . DG  B 1 12 ? -2.150  -9.989  15.623  1.00 29.00 ? 24 DG  B N1    1 
ATOM   485 C C2    . DG  B 1 12 ? -3.495  -9.737  15.557  1.00 29.00 ? 24 DG  B C2    1 
ATOM   486 N N2    . DG  B 1 12 ? -4.169  -10.603 14.783  1.00 29.00 ? 24 DG  B N2    1 
ATOM   487 N N3    . DG  B 1 12 ? -4.104  -8.755  16.208  1.00 29.00 ? 24 DG  B N3    1 
ATOM   488 C C4    . DG  B 1 12 ? -3.233  -8.023  16.946  1.00 29.00 ? 24 DG  B C4    1 
HETATM 489 O O     . HOH C 2 .  ? 0.340   7.719   -4.863  1.00 29.00 ? 25 HOH A O     1 
HETATM 490 O O     . HOH C 2 .  ? -1.729  -6.152  4.661   1.00 36.00 ? 27 HOH A O     1 
HETATM 491 O O     . HOH C 2 .  ? 1.851   1.300   -11.790 1.00 64.00 ? 28 HOH A O     1 
HETATM 492 O O     . HOH C 2 .  ? -4.136  -2.077  -15.630 1.00 41.00 ? 30 HOH A O     1 
HETATM 493 O O     . HOH C 2 .  ? 6.561   3.107   -16.819 1.00 65.00 ? 31 HOH A O     1 
HETATM 494 O O     . HOH C 2 .  ? -4.477  2.375   1.612   1.00 65.00 ? 32 HOH A O     1 
HETATM 495 O O     . HOH C 2 .  ? 2.187   1.711   -19.959 1.00 67.00 ? 35 HOH A O     1 
HETATM 496 O O     . HOH C 2 .  ? -7.620  -4.006  2.691   1.00 49.00 ? 39 HOH A O     1 
HETATM 497 O O     . HOH C 2 .  ? -5.925  -6.827  4.293   1.00 54.00 ? 41 HOH A O     1 
HETATM 498 O O     . HOH C 2 .  ? 8.681   -0.525  -2.773  1.00 40.00 ? 42 HOH A O     1 
HETATM 499 O O     . HOH C 2 .  ? 2.260   9.390   0.735   1.00 65.00 ? 45 HOH A O     1 
HETATM 500 O O     . HOH C 2 .  ? -6.404  3.274   4.347   1.00 63.00 ? 50 HOH A O     1 
HETATM 501 O O     . HOH C 2 .  ? 3.715   9.716   -9.088  1.00 36.00 ? 51 HOH A O     1 
HETATM 502 O O     . HOH C 2 .  ? -1.204  5.185   11.689  1.00 60.00 ? 54 HOH A O     1 
HETATM 503 O O     . HOH C 2 .  ? -11.543 -10.746 8.550   1.00 51.00 ? 55 HOH A O     1 
HETATM 504 O O     . HOH C 2 .  ? -7.733  -17.128 7.498   1.00 53.00 ? 56 HOH A O     1 
HETATM 505 O O     . HOH C 2 .  ? 1.163   -12.029 8.964   1.00 49.00 ? 57 HOH A O     1 
HETATM 506 O O     . HOH C 2 .  ? 2.385   -10.221 11.376  1.00 40.00 ? 59 HOH A O     1 
HETATM 507 O O     . HOH C 2 .  ? -0.803  9.329   5.957   1.00 66.00 ? 61 HOH A O     1 
HETATM 508 O O     . HOH C 2 .  ? 3.578   -10.743 9.018   1.00 29.00 ? 62 HOH A O     1 
HETATM 509 O O     . HOH C 2 .  ? 0.957   8.405   2.915   1.00 47.00 ? 65 HOH A O     1 
HETATM 510 O O     . HOH C 2 .  ? -1.454  7.158   -1.974  1.00 42.00 ? 66 HOH A O     1 
HETATM 511 O O     . HOH C 2 .  ? 12.431  -0.182  -5.006  1.00 66.00 ? 69 HOH A O     1 
HETATM 512 O O     . HOH C 2 .  ? -2.565  2.454   11.077  1.00 59.00 ? 70 HOH A O     1 
HETATM 513 O O     . HOH C 2 .  ? 3.393   1.930   -9.142  1.00 50.00 ? 72 HOH A O     1 
HETATM 514 O O     . HOH C 2 .  ? 4.709   -10.264 12.773  1.00 53.00 ? 73 HOH A O     1 
HETATM 515 O O     . HOH C 2 .  ? -3.138  -13.220 6.576   1.00 66.00 ? 74 HOH A O     1 
HETATM 516 O O     . HOH C 2 .  ? -2.858  -5.428  2.276   1.00 70.00 ? 75 HOH A O     1 
HETATM 517 O O     . HOH C 2 .  ? -11.273 -0.204  4.815   1.00 64.00 ? 76 HOH A O     1 
HETATM 518 O O     . HOH C 2 .  ? 11.468  1.341   -7.128  1.00 65.00 ? 82 HOH A O     1 
HETATM 519 O O     . HOH C 2 .  ? -0.132  -0.654  -12.278 1.00 66.00 ? 83 HOH A O     1 
HETATM 520 O O     . HOH C 2 .  ? -5.075  -2.446  2.757   1.00 65.00 ? 84 HOH A O     1 
HETATM 521 O O     . HOH C 2 .  ? 8.273   4.900   -6.738  1.00 74.00 ? 85 HOH A O     1 
HETATM 522 O O     . HOH C 2 .  ? 6.524   7.104   -1.908  1.00 58.00 ? 86 HOH A O     1 
HETATM 523 O O     . HOH C 2 .  ? -0.486  1.918   -20.552 1.00 68.00 ? 88 HOH A O     1 
HETATM 524 O O     . HOH C 2 .  ? 4.989   9.651   0.657   1.00 66.00 ? 89 HOH A O     1 
HETATM 525 O O     . HOH C 2 .  ? -12.969 -7.093  7.865   1.00 68.00 ? 93 HOH A O     1 
HETATM 526 O O     . HOH C 2 .  ? -6.616  -15.809 5.391   1.00 72.00 ? 94 HOH A O     1 
HETATM 527 O O     . HOH C 2 .  ? 3.439   4.199   -19.917 1.00 66.00 ? 95 HOH A O     1 
HETATM 528 O O     . HOH C 2 .  ? -1.590  9.267   3.323   1.00 10.00 ? 96 HOH A O     1 
HETATM 529 O O     . HOH D 2 .  ? 3.702   1.282   5.183   1.00 62.00 ? 26 HOH B O     1 
HETATM 530 O O     . HOH D 2 .  ? 7.204   -7.325  3.285   1.00 30.00 ? 29 HOH B O     1 
HETATM 531 O O     . HOH D 2 .  ? 10.678  0.023   10.562  1.00 49.00 ? 33 HOH B O     1 
HETATM 532 O O     . HOH D 2 .  ? 0.088   -4.996  19.964  1.00 29.00 ? 34 HOH B O     1 
HETATM 533 O O     . HOH D 2 .  ? 8.293   -5.667  5.201   1.00 44.00 ? 36 HOH B O     1 
HETATM 534 O O     . HOH D 2 .  ? 5.232   -0.672  0.139   1.00 29.00 ? 37 HOH B O     1 
HETATM 535 O O     . HOH D 2 .  ? 0.508   -0.452  13.198  1.00 45.00 ? 38 HOH B O     1 
HETATM 536 O O     . HOH D 2 .  ? -4.435  -1.082  -2.560  1.00 38.00 ? 40 HOH B O     1 
HETATM 537 O O     . HOH D 2 .  ? 1.953   -8.373  -10.078 1.00 47.00 ? 43 HOH B O     1 
HETATM 538 O O     . HOH D 2 .  ? -4.516  7.405   -5.558  1.00 51.00 ? 44 HOH B O     1 
HETATM 539 O O     . HOH D 2 .  ? -8.671  13.067  -11.576 1.00 78.00 ? 46 HOH B O     1 
HETATM 540 O O     . HOH D 2 .  ? 1.055   -7.794  19.302  1.00 44.00 ? 47 HOH B O     1 
HETATM 541 O O     . HOH D 2 .  ? -5.243  2.736   -3.813  1.00 25.00 ? 48 HOH B O     1 
HETATM 542 O O     . HOH D 2 .  ? 8.321   -4.965  8.229   1.00 45.00 ? 49 HOH B O     1 
HETATM 543 O O     . HOH D 2 .  ? 2.546   -7.618  -1.148  1.00 65.00 ? 52 HOH B O     1 
HETATM 544 O O     . HOH D 2 .  ? -5.021  18.502  -11.397 1.00 72.00 ? 53 HOH B O     1 
HETATM 545 O O     . HOH D 2 .  ? 3.581   2.377   15.302  1.00 67.00 ? 58 HOH B O     1 
HETATM 546 O O     . HOH D 2 .  ? 2.450   -0.944  -7.287  1.00 55.00 ? 60 HOH B O     1 
HETATM 547 O O     . HOH D 2 .  ? 5.123   -1.092  -4.594  1.00 65.00 ? 63 HOH B O     1 
HETATM 548 O O     . HOH D 2 .  ? -6.592  12.592  -3.887  1.00 49.00 ? 64 HOH B O     1 
HETATM 549 O O     . HOH D 2 .  ? -2.123  6.591   -4.597  1.00 43.00 ? 67 HOH B O     1 
HETATM 550 O O     . HOH D 2 .  ? -6.539  9.569   -5.709  1.00 62.00 ? 68 HOH B O     1 
HETATM 551 O O     . HOH D 2 .  ? -3.252  -8.636  -9.849  1.00 76.00 ? 71 HOH B O     1 
HETATM 552 O O     . HOH D 2 .  ? 0.425   -9.337  -7.527  1.00 72.00 ? 77 HOH B O     1 
HETATM 553 O O     . HOH D 2 .  ? -4.179  -3.175  -4.268  1.00 69.00 ? 78 HOH B O     1 
HETATM 554 O O     . HOH D 2 .  ? -2.511  18.802  -13.492 1.00 69.00 ? 79 HOH B O     1 
HETATM 555 O O     . HOH D 2 .  ? -10.408 13.897  -8.805  1.00 64.00 ? 80 HOH B O     1 
HETATM 556 O O     . HOH D 2 .  ? -4.129  -3.322  -0.239  1.00 59.00 ? 81 HOH B O     1 
HETATM 557 O O     . HOH D 2 .  ? 7.113   1.098   2.927   1.00 59.00 ? 87 HOH B O     1 
HETATM 558 O O     . HOH D 2 .  ? 11.566  -4.286  4.507   1.00 72.00 ? 90 HOH B O     1 
HETATM 559 O O     . HOH D 2 .  ? 4.948   -8.257  9.589   1.00 76.00 ? 91 HOH B O     1 
HETATM 560 O O     . HOH D 2 .  ? -11.325 3.653   -9.910  1.00 75.00 ? 92 HOH B O     1 
# 
